data_8S04
#
_entry.id   8S04
#
_cell.length_a   45.972
_cell.length_b   212.336
_cell.length_c   56.035
_cell.angle_alpha   90.00
_cell.angle_beta   96.77
_cell.angle_gamma   90.00
#
_symmetry.space_group_name_H-M   'P 1 21 1'
#
loop_
_entity.id
_entity.type
_entity.pdbx_description
1 polymer 'Tyrosine-protein phosphatase non-receptor type 11'
2 non-polymer N-(1H-indol-7-yl)methanesulfonamide
3 water water
#
_entity_poly.entity_id   1
_entity_poly.type   'polypeptide(L)'
_entity_poly.pdbx_seq_one_letter_code
;HMTSRRWFHPNITGVEAENLLLTRGVDGSFLARPSKSNPGDFTLSVRRNGAVTHIKIQNTGDYYDLYGGEKFATLAELVQ
YYMEHHGQLKEKNGDVIELKYPLNCADPTSERWFHGHLSGKEAEKLLTEKGKHGSFLVRESQSHPGDFVLSVRTGDDKGE
SNDGKSKVTHVMIRCQELKYDVGGGERFDSLTDLVEHYKKNPMVETLGTVLQLKQPLNTTRINAAEIESRVRELSKLAET
TDKVKQGFWEEFETLQQQECKLLYSRKEGQRQENKNKNRYKNILPFDHTRVVLHDGDPNEPVSDYINANIIMPEFETKCN
NSKPKKSYIATQGCLQNTVNDFWRMVFQENSRVIVMTTKEVERGKSKCVKYWPDEYALKEYGVMRVRNVKESAAHDYTLR
ELKLSKVGQGNTERTVWQYHFRTWPDHGVPSDPGGVLDFLEEVHHKQESIMDAGPVVVHCSAGIGRTGTFIVIDILIDII
REKGVDCDIDVPKTIQMVRSQRSGMVQTEAQYRFIYMAVQHYIETLQRRLEHHHHHH
;
_entity_poly.pdbx_strand_id   A,B
#
loop_
_chem_comp.id
_chem_comp.type
_chem_comp.name
_chem_comp.formula
A1H4I non-polymer N-(1H-indol-7-yl)methanesulfonamide 'C9 H10 N2 O2 S'
#
# COMPACT_ATOMS: atom_id res chain seq x y z
N SER A 4 0.19 -1.72 12.93
CA SER A 4 -0.55 -2.99 13.05
C SER A 4 -0.16 -3.86 14.28
N ARG A 5 -1.02 -4.83 14.63
CA ARG A 5 -0.81 -5.68 15.82
C ARG A 5 -0.79 -7.18 15.52
N ARG A 6 -0.33 -7.54 14.35
CA ARG A 6 -0.38 -8.94 13.88
C ARG A 6 0.49 -9.89 14.68
N TRP A 7 1.41 -9.37 15.51
CA TRP A 7 2.28 -10.19 16.35
C TRP A 7 1.58 -10.80 17.57
N PHE A 8 0.28 -10.45 17.84
CA PHE A 8 -0.48 -11.03 18.92
C PHE A 8 -1.32 -12.16 18.37
N HIS A 9 -1.15 -13.35 18.92
CA HIS A 9 -1.84 -14.56 18.50
C HIS A 9 -2.81 -14.98 19.64
N PRO A 10 -4.12 -14.70 19.53
CA PRO A 10 -5.02 -14.95 20.68
C PRO A 10 -5.30 -16.39 21.08
N ASN A 11 -5.12 -17.38 20.16
CA ASN A 11 -5.55 -18.78 20.41
C ASN A 11 -4.41 -19.76 20.07
N ILE A 12 -3.24 -19.54 20.65
CA ILE A 12 -2.05 -20.35 20.37
C ILE A 12 -1.51 -20.88 21.71
N THR A 13 -1.08 -22.17 21.75
CA THR A 13 -0.39 -22.73 22.92
C THR A 13 1.11 -22.35 22.87
N GLY A 14 1.80 -22.52 24.00
CA GLY A 14 3.24 -22.35 24.10
C GLY A 14 4.02 -23.15 23.05
N VAL A 15 3.62 -24.44 22.86
CA VAL A 15 4.35 -25.30 21.92
C VAL A 15 4.02 -24.90 20.48
N GLU A 16 2.75 -24.54 20.17
CA GLU A 16 2.45 -23.93 18.87
C GLU A 16 3.31 -22.67 18.61
N ALA A 17 3.59 -21.86 19.64
CA ALA A 17 4.39 -20.63 19.52
C ALA A 17 5.86 -20.98 19.26
N GLU A 18 6.38 -22.00 19.98
CA GLU A 18 7.75 -22.46 19.77
C GLU A 18 7.94 -22.95 18.35
N ASN A 19 7.00 -23.78 17.87
CA ASN A 19 7.11 -24.37 16.55
C ASN A 19 6.99 -23.31 15.46
N LEU A 20 6.09 -22.34 15.65
CA LEU A 20 5.97 -21.23 14.71
C LEU A 20 7.26 -20.44 14.58
N LEU A 21 7.86 -20.05 15.72
CA LEU A 21 9.11 -19.29 15.67
C LEU A 21 10.28 -20.12 15.11
N LEU A 22 10.31 -21.45 15.36
CA LEU A 22 11.38 -22.30 14.84
C LEU A 22 11.22 -22.61 13.35
N THR A 23 9.99 -22.80 12.86
CA THR A 23 9.75 -23.15 11.45
C THR A 23 9.54 -21.96 10.55
N ARG A 24 8.91 -20.88 11.03
CA ARG A 24 8.59 -19.72 10.19
C ARG A 24 9.32 -18.41 10.57
N GLY A 25 10.03 -18.42 11.70
CA GLY A 25 10.79 -17.26 12.11
C GLY A 25 12.28 -17.46 11.99
N VAL A 26 13.00 -16.41 12.32
CA VAL A 26 14.46 -16.37 12.44
C VAL A 26 14.85 -15.77 13.81
N ASP A 27 16.16 -15.75 14.16
CA ASP A 27 16.63 -15.02 15.33
C ASP A 27 16.19 -13.54 15.30
N GLY A 28 15.61 -13.10 16.40
CA GLY A 28 14.94 -11.81 16.50
C GLY A 28 13.45 -11.85 16.24
N SER A 29 12.92 -12.96 15.74
CA SER A 29 11.48 -13.13 15.58
C SER A 29 10.77 -13.20 16.95
N PHE A 30 9.55 -12.69 16.99
CA PHE A 30 8.78 -12.68 18.22
C PHE A 30 7.27 -12.66 17.99
N LEU A 31 6.57 -13.09 19.02
CA LEU A 31 5.13 -12.95 19.08
C LEU A 31 4.69 -12.83 20.54
N ALA A 32 3.49 -12.33 20.76
CA ALA A 32 2.88 -12.30 22.09
C ALA A 32 1.60 -13.10 22.05
N ARG A 33 1.22 -13.67 23.20
CA ARG A 33 0.02 -14.47 23.32
C ARG A 33 -0.57 -14.48 24.76
N PRO A 34 -1.87 -14.75 24.94
CA PRO A 34 -2.43 -14.79 26.32
C PRO A 34 -2.22 -16.17 26.92
N SER A 35 -2.27 -16.31 28.24
CA SER A 35 -2.31 -17.66 28.83
C SER A 35 -3.77 -18.14 28.81
N LYS A 36 -4.02 -19.38 28.34
CA LYS A 36 -5.40 -19.81 28.10
C LYS A 36 -6.21 -20.11 29.38
N SER A 37 -5.61 -19.93 30.58
CA SER A 37 -6.26 -20.25 31.86
C SER A 37 -5.92 -19.28 33.01
N ASN A 38 -5.22 -18.16 32.75
CA ASN A 38 -4.86 -17.21 33.80
C ASN A 38 -4.95 -15.83 33.16
N PRO A 39 -6.17 -15.26 33.00
CA PRO A 39 -6.27 -13.95 32.32
C PRO A 39 -5.48 -12.87 33.06
N GLY A 40 -4.95 -11.93 32.31
CA GLY A 40 -3.96 -11.00 32.82
C GLY A 40 -2.55 -11.55 32.72
N ASP A 41 -2.38 -12.85 32.36
CA ASP A 41 -1.05 -13.36 32.12
C ASP A 41 -0.93 -13.42 30.59
N PHE A 42 0.18 -12.91 30.09
CA PHE A 42 0.60 -12.94 28.69
C PHE A 42 2.06 -13.46 28.66
N THR A 43 2.49 -13.87 27.49
CA THR A 43 3.85 -14.33 27.26
C THR A 43 4.37 -13.68 25.97
N LEU A 44 5.57 -13.14 26.02
CA LEU A 44 6.31 -12.68 24.87
C LEU A 44 7.29 -13.84 24.54
N SER A 45 7.08 -14.47 23.38
CA SER A 45 7.93 -15.58 22.93
C SER A 45 8.89 -15.06 21.88
N VAL A 46 10.20 -15.25 22.07
CA VAL A 46 11.24 -14.63 21.25
C VAL A 46 12.27 -15.69 20.83
N ARG A 47 12.71 -15.63 19.57
CA ARG A 47 13.75 -16.53 19.06
C ARG A 47 15.10 -15.85 19.14
N ARG A 48 16.08 -16.50 19.79
CA ARG A 48 17.46 -16.03 19.85
C ARG A 48 18.41 -17.24 19.87
N ASN A 49 19.52 -17.15 19.11
CA ASN A 49 20.50 -18.25 18.97
C ASN A 49 19.84 -19.63 18.66
N GLY A 50 18.91 -19.65 17.71
CA GLY A 50 18.18 -20.86 17.32
C GLY A 50 17.36 -21.53 18.40
N ALA A 51 17.05 -20.83 19.51
CA ALA A 51 16.16 -21.37 20.58
C ALA A 51 15.09 -20.32 20.94
N VAL A 52 13.97 -20.75 21.55
CA VAL A 52 12.87 -19.87 21.93
C VAL A 52 12.90 -19.60 23.44
N THR A 53 12.84 -18.30 23.81
CA THR A 53 12.67 -17.85 25.18
C THR A 53 11.26 -17.30 25.36
N HIS A 54 10.68 -17.60 26.54
CA HIS A 54 9.34 -17.15 26.88
C HIS A 54 9.48 -16.20 28.07
N ILE A 55 8.94 -14.99 27.91
CA ILE A 55 9.01 -13.96 28.90
C ILE A 55 7.57 -13.63 29.40
N LYS A 56 7.36 -13.68 30.75
CA LYS A 56 6.04 -13.48 31.32
C LYS A 56 5.78 -12.00 31.42
N ILE A 57 4.54 -11.63 31.07
CA ILE A 57 4.02 -10.30 31.28
C ILE A 57 2.77 -10.48 32.11
N GLN A 58 2.71 -9.79 33.26
CA GLN A 58 1.58 -9.88 34.15
C GLN A 58 0.86 -8.55 34.15
N ASN A 59 -0.43 -8.60 34.19
CA ASN A 59 -1.24 -7.41 34.40
C ASN A 59 -2.30 -7.73 35.46
N THR A 60 -2.12 -7.20 36.66
CA THR A 60 -3.16 -7.33 37.73
C THR A 60 -4.22 -6.22 37.73
N GLY A 61 -4.12 -5.30 36.81
CA GLY A 61 -5.06 -4.22 36.69
C GLY A 61 -4.46 -2.84 36.57
N ASP A 62 -3.17 -2.68 36.86
CA ASP A 62 -2.55 -1.32 36.87
C ASP A 62 -1.66 -1.01 35.65
N TYR A 63 -1.02 -2.03 35.08
CA TYR A 63 -0.05 -1.87 33.99
C TYR A 63 0.40 -3.30 33.56
N TYR A 64 1.01 -3.37 32.43
CA TYR A 64 1.67 -4.61 31.92
C TYR A 64 3.06 -4.61 32.48
N ASP A 65 3.40 -5.64 33.23
CA ASP A 65 4.70 -5.73 33.90
C ASP A 65 5.49 -6.86 33.22
N LEU A 66 6.50 -6.48 32.45
CA LEU A 66 7.32 -7.44 31.72
C LEU A 66 8.41 -7.92 32.65
N TYR A 67 8.54 -9.25 32.79
CA TYR A 67 9.65 -9.79 33.58
C TYR A 67 11.02 -9.36 33.00
N GLY A 68 11.89 -8.80 33.82
CA GLY A 68 13.20 -8.33 33.33
C GLY A 68 13.15 -7.18 32.33
N GLY A 69 12.07 -6.41 32.40
CA GLY A 69 11.93 -5.21 31.60
C GLY A 69 11.14 -4.18 32.37
N GLU A 70 10.39 -3.41 31.64
CA GLU A 70 9.69 -2.26 32.20
C GLU A 70 8.18 -2.53 32.35
N LYS A 71 7.47 -1.53 32.88
CA LYS A 71 6.02 -1.46 32.97
C LYS A 71 5.48 -0.61 31.82
N PHE A 72 4.42 -1.07 31.20
CA PHE A 72 3.83 -0.46 30.02
C PHE A 72 2.31 -0.31 30.14
N ALA A 73 1.79 0.66 29.43
CA ALA A 73 0.36 0.93 29.38
C ALA A 73 -0.39 -0.01 28.42
N THR A 74 0.29 -0.49 27.37
CA THR A 74 -0.33 -1.41 26.37
C THR A 74 0.73 -2.34 25.80
N LEU A 75 0.32 -3.51 25.32
CA LEU A 75 1.29 -4.41 24.66
C LEU A 75 1.86 -3.78 23.40
N ALA A 76 1.10 -3.00 22.64
CA ALA A 76 1.64 -2.28 21.45
C ALA A 76 2.75 -1.27 21.85
N GLU A 77 2.58 -0.52 23.01
CA GLU A 77 3.60 0.40 23.46
C GLU A 77 4.84 -0.34 23.90
N LEU A 78 4.68 -1.49 24.57
CA LEU A 78 5.76 -2.39 24.96
C LEU A 78 6.58 -2.81 23.71
N VAL A 79 5.93 -3.29 22.67
CA VAL A 79 6.56 -3.79 21.46
C VAL A 79 7.24 -2.62 20.74
N GLN A 80 6.58 -1.44 20.63
CA GLN A 80 7.18 -0.27 20.00
C GLN A 80 8.44 0.16 20.75
N TYR A 81 8.41 0.18 22.08
CA TYR A 81 9.57 0.55 22.90
C TYR A 81 10.80 -0.33 22.58
N TYR A 82 10.64 -1.66 22.61
CA TYR A 82 11.80 -2.54 22.43
C TYR A 82 12.23 -2.67 20.95
N MET A 83 11.29 -2.62 19.99
CA MET A 83 11.66 -2.57 18.57
C MET A 83 12.41 -1.29 18.16
N GLU A 84 12.44 -0.25 19.05
CA GLU A 84 13.19 0.99 18.85
C GLU A 84 14.24 1.23 19.97
N HIS A 85 14.55 0.21 20.81
CA HIS A 85 15.55 0.25 21.89
C HIS A 85 16.23 -1.11 22.04
N HIS A 86 17.30 -1.33 21.26
CA HIS A 86 18.22 -2.48 21.37
C HIS A 86 18.95 -2.47 22.72
N GLY A 87 19.30 -3.66 23.19
CA GLY A 87 20.06 -3.77 24.43
C GLY A 87 19.27 -3.53 25.70
N GLN A 88 17.96 -3.18 25.56
CA GLN A 88 17.12 -2.78 26.70
C GLN A 88 16.41 -3.98 27.28
N LEU A 89 15.98 -4.95 26.45
CA LEU A 89 15.31 -6.13 26.97
C LEU A 89 16.33 -7.22 27.31
N LYS A 90 16.37 -7.72 28.56
CA LYS A 90 17.39 -8.68 29.01
C LYS A 90 16.84 -9.90 29.79
N GLU A 91 17.52 -11.09 29.63
CA GLU A 91 17.14 -12.33 30.31
C GLU A 91 17.46 -12.26 31.83
N LYS A 92 17.22 -13.36 32.59
CA LYS A 92 17.61 -13.43 34.00
C LYS A 92 19.14 -13.29 34.12
N ASN A 93 19.90 -14.09 33.33
CA ASN A 93 21.36 -14.09 33.36
C ASN A 93 22.01 -12.87 32.63
N GLY A 94 21.21 -11.90 32.16
CA GLY A 94 21.71 -10.60 31.72
C GLY A 94 21.87 -10.37 30.23
N ASP A 95 21.87 -11.42 29.38
CA ASP A 95 22.03 -11.24 27.93
C ASP A 95 20.88 -10.44 27.33
N VAL A 96 21.17 -9.70 26.25
CA VAL A 96 20.17 -8.92 25.52
C VAL A 96 19.30 -9.86 24.66
N ILE A 97 17.98 -9.65 24.76
CA ILE A 97 16.99 -10.32 23.91
C ILE A 97 16.51 -9.24 22.93
N GLU A 98 16.63 -9.50 21.65
CA GLU A 98 16.25 -8.54 20.60
C GLU A 98 14.91 -8.89 19.97
N LEU A 99 13.98 -7.92 19.94
CA LEU A 99 12.73 -8.02 19.20
C LEU A 99 12.96 -7.28 17.89
N LYS A 100 13.13 -8.04 16.82
CA LYS A 100 13.39 -7.50 15.47
C LYS A 100 12.22 -7.73 14.52
N TYR A 101 11.65 -8.96 14.47
CA TYR A 101 10.74 -9.38 13.41
C TYR A 101 9.43 -9.88 13.97
N PRO A 102 8.33 -9.08 13.97
CA PRO A 102 7.04 -9.64 14.37
C PRO A 102 6.69 -10.90 13.54
N LEU A 103 6.24 -11.96 14.19
CA LEU A 103 5.73 -13.16 13.52
C LEU A 103 4.18 -13.00 13.47
N ASN A 104 3.67 -12.70 12.28
CA ASN A 104 2.25 -12.38 12.09
C ASN A 104 1.29 -13.54 12.20
N CYS A 105 0.13 -13.27 12.80
CA CYS A 105 -0.96 -14.17 13.04
C CYS A 105 -1.99 -14.01 11.93
N ALA A 106 -2.55 -15.13 11.44
CA ALA A 106 -3.56 -15.12 10.39
C ALA A 106 -5.01 -15.15 10.97
N ASP A 107 -5.16 -15.49 12.24
CA ASP A 107 -6.45 -15.68 12.92
C ASP A 107 -7.31 -14.42 12.79
N PRO A 108 -8.52 -14.52 12.19
CA PRO A 108 -9.40 -13.34 12.09
C PRO A 108 -10.32 -13.07 13.28
N THR A 109 -10.26 -13.87 14.35
CA THR A 109 -11.32 -13.81 15.37
C THR A 109 -11.33 -12.53 16.23
N SER A 110 -10.27 -11.70 16.24
CA SER A 110 -10.31 -10.41 16.99
C SER A 110 -10.54 -9.22 16.08
N GLU A 111 -10.87 -9.43 14.77
CA GLU A 111 -11.20 -8.34 13.89
C GLU A 111 -12.60 -7.91 14.11
N ARG A 112 -12.86 -6.59 14.18
CA ARG A 112 -14.23 -6.09 14.39
C ARG A 112 -15.25 -6.55 13.32
N TRP A 113 -14.76 -6.78 12.08
CA TRP A 113 -15.60 -7.18 10.93
C TRP A 113 -15.84 -8.70 10.83
N PHE A 114 -15.15 -9.53 11.63
CA PHE A 114 -15.30 -10.96 11.55
C PHE A 114 -16.44 -11.52 12.43
N HIS A 115 -17.39 -12.24 11.83
CA HIS A 115 -18.52 -12.87 12.52
C HIS A 115 -18.52 -14.40 12.56
N GLY A 116 -17.59 -15.07 11.89
CA GLY A 116 -17.51 -16.52 11.94
C GLY A 116 -18.78 -17.20 11.48
N HIS A 117 -19.33 -18.13 12.30
CA HIS A 117 -20.59 -18.79 11.91
C HIS A 117 -21.73 -17.78 11.90
N LEU A 118 -22.30 -17.56 10.73
CA LEU A 118 -23.39 -16.60 10.56
C LEU A 118 -24.06 -16.87 9.20
N SER A 119 -25.38 -16.88 9.18
CA SER A 119 -26.13 -17.17 7.97
C SER A 119 -26.16 -15.96 7.03
N GLY A 120 -26.37 -16.21 5.75
CA GLY A 120 -26.50 -15.13 4.75
C GLY A 120 -27.72 -14.26 4.94
N LYS A 121 -28.78 -14.82 5.54
CA LYS A 121 -30.02 -14.08 5.79
C LYS A 121 -29.87 -13.29 7.08
N GLU A 122 -29.26 -13.90 8.11
CA GLU A 122 -28.88 -13.21 9.35
C GLU A 122 -27.97 -11.99 9.06
N ALA A 123 -26.98 -12.15 8.16
CA ALA A 123 -26.05 -11.06 7.81
C ALA A 123 -26.75 -9.97 7.04
N GLU A 124 -27.70 -10.33 6.17
CA GLU A 124 -28.51 -9.34 5.46
C GLU A 124 -29.43 -8.58 6.43
N LYS A 125 -29.99 -9.25 7.43
CA LYS A 125 -30.85 -8.55 8.39
C LYS A 125 -30.02 -7.57 9.23
N LEU A 126 -28.87 -8.03 9.80
CA LEU A 126 -27.97 -7.17 10.57
C LEU A 126 -27.53 -5.96 9.75
N LEU A 127 -27.04 -6.18 8.52
CA LEU A 127 -26.65 -5.08 7.64
C LEU A 127 -27.81 -4.19 7.24
N THR A 128 -29.05 -4.70 7.17
CA THR A 128 -30.21 -3.86 6.82
C THR A 128 -30.63 -2.98 8.01
N GLU A 129 -30.74 -3.56 9.19
CA GLU A 129 -31.18 -2.83 10.40
C GLU A 129 -30.09 -1.87 10.90
N LYS A 130 -28.89 -2.40 11.18
CA LYS A 130 -27.81 -1.67 11.86
C LYS A 130 -26.88 -0.97 10.87
N GLY A 131 -26.67 -1.58 9.70
CA GLY A 131 -25.68 -1.10 8.75
C GLY A 131 -26.03 0.19 8.04
N LYS A 132 -25.03 0.73 7.37
CA LYS A 132 -25.05 1.99 6.64
C LYS A 132 -24.17 1.82 5.37
N HIS A 133 -24.06 2.83 4.47
CA HIS A 133 -23.18 2.73 3.30
C HIS A 133 -21.74 2.42 3.73
N GLY A 134 -21.20 1.33 3.19
CA GLY A 134 -19.85 0.88 3.45
C GLY A 134 -19.72 -0.05 4.64
N SER A 135 -20.84 -0.39 5.32
CA SER A 135 -20.77 -1.35 6.42
C SER A 135 -20.53 -2.73 5.88
N PHE A 136 -19.62 -3.47 6.51
CA PHE A 136 -19.27 -4.79 6.05
C PHE A 136 -18.98 -5.77 7.16
N LEU A 137 -19.00 -7.03 6.79
CA LEU A 137 -18.62 -8.14 7.64
C LEU A 137 -18.08 -9.28 6.78
N VAL A 138 -17.35 -10.18 7.41
CA VAL A 138 -16.89 -11.42 6.84
C VAL A 138 -17.41 -12.54 7.74
N ARG A 139 -18.01 -13.55 7.10
CA ARG A 139 -18.62 -14.71 7.75
C ARG A 139 -18.21 -16.02 7.06
N GLU A 140 -18.53 -17.14 7.66
CA GLU A 140 -18.31 -18.46 7.05
C GLU A 140 -19.44 -18.77 6.07
N SER A 141 -19.10 -19.37 4.89
CA SER A 141 -20.04 -19.59 3.75
C SER A 141 -21.31 -20.43 4.01
N GLN A 142 -21.18 -21.47 4.84
CA GLN A 142 -22.16 -22.53 5.08
C GLN A 142 -22.36 -23.44 3.86
N SER A 143 -22.54 -22.87 2.66
CA SER A 143 -22.69 -23.68 1.45
C SER A 143 -21.34 -24.33 1.06
N HIS A 144 -20.25 -23.54 0.99
CA HIS A 144 -18.92 -24.03 0.64
C HIS A 144 -18.07 -24.10 1.91
N PRO A 145 -17.99 -25.26 2.60
CA PRO A 145 -17.22 -25.31 3.87
C PRO A 145 -15.74 -24.93 3.73
N GLY A 146 -15.24 -24.17 4.70
CA GLY A 146 -13.87 -23.67 4.72
C GLY A 146 -13.67 -22.33 4.03
N ASP A 147 -14.55 -21.98 3.07
CA ASP A 147 -14.61 -20.69 2.42
C ASP A 147 -15.29 -19.61 3.30
N PHE A 148 -15.22 -18.34 2.86
CA PHE A 148 -15.81 -17.23 3.59
C PHE A 148 -16.64 -16.35 2.65
N VAL A 149 -17.48 -15.48 3.21
CA VAL A 149 -18.25 -14.48 2.44
C VAL A 149 -18.02 -13.12 3.06
N LEU A 150 -17.79 -12.13 2.21
CA LEU A 150 -17.74 -10.74 2.60
C LEU A 150 -19.08 -10.17 2.17
N SER A 151 -19.85 -9.61 3.12
CA SER A 151 -21.11 -8.95 2.85
C SER A 151 -20.99 -7.46 3.10
N VAL A 152 -21.38 -6.65 2.13
CA VAL A 152 -21.17 -5.20 2.14
C VAL A 152 -22.47 -4.52 1.79
N ARG A 153 -22.84 -3.47 2.53
CA ARG A 153 -23.95 -2.63 2.20
C ARG A 153 -23.45 -1.37 1.47
N THR A 154 -24.07 -1.00 0.36
CA THR A 154 -23.79 0.25 -0.35
C THR A 154 -25.13 0.96 -0.61
N GLY A 155 -25.12 2.29 -0.67
CA GLY A 155 -26.36 3.04 -0.88
C GLY A 155 -26.38 4.45 -0.38
N ASP A 156 -27.61 4.95 -0.14
CA ASP A 156 -27.94 6.31 0.26
C ASP A 156 -28.60 6.28 1.63
N SER A 161 -36.31 5.55 4.13
CA SER A 161 -37.21 4.43 3.85
C SER A 161 -36.52 3.35 3.01
N ASN A 162 -36.98 2.09 3.14
CA ASN A 162 -36.46 0.97 2.35
C ASN A 162 -37.03 1.04 0.93
N ASP A 163 -36.43 1.91 0.09
CA ASP A 163 -36.91 2.24 -1.24
C ASP A 163 -35.96 1.81 -2.38
N GLY A 164 -35.10 0.84 -2.12
CA GLY A 164 -34.16 0.32 -3.11
C GLY A 164 -32.99 1.23 -3.42
N LYS A 165 -32.85 2.38 -2.73
CA LYS A 165 -31.67 3.23 -2.86
C LYS A 165 -30.37 2.59 -2.28
N SER A 166 -30.50 1.51 -1.49
CA SER A 166 -29.36 0.78 -0.95
C SER A 166 -29.52 -0.74 -1.16
N LYS A 167 -28.39 -1.49 -1.09
CA LYS A 167 -28.39 -2.95 -1.29
C LYS A 167 -27.28 -3.64 -0.47
N VAL A 168 -27.41 -4.97 -0.28
CA VAL A 168 -26.35 -5.82 0.29
C VAL A 168 -25.79 -6.73 -0.82
N THR A 169 -24.45 -6.74 -0.99
CA THR A 169 -23.74 -7.60 -1.94
C THR A 169 -22.91 -8.61 -1.16
N HIS A 170 -22.88 -9.85 -1.64
CA HIS A 170 -22.06 -10.90 -1.09
C HIS A 170 -20.94 -11.23 -2.07
N VAL A 171 -19.72 -11.35 -1.55
CA VAL A 171 -18.54 -11.66 -2.33
C VAL A 171 -17.99 -12.91 -1.74
N MET A 172 -17.92 -13.95 -2.53
CA MET A 172 -17.34 -15.21 -2.09
C MET A 172 -15.85 -15.05 -1.99
N ILE A 173 -15.28 -15.65 -0.94
CA ILE A 173 -13.85 -15.61 -0.64
C ILE A 173 -13.47 -17.04 -0.56
N ARG A 174 -12.62 -17.51 -1.47
CA ARG A 174 -12.14 -18.89 -1.44
C ARG A 174 -10.92 -19.01 -0.57
N CYS A 175 -10.86 -20.07 0.19
CA CYS A 175 -9.67 -20.44 0.92
C CYS A 175 -9.12 -21.62 0.16
N GLN A 176 -7.90 -21.48 -0.41
CA GLN A 176 -7.28 -22.56 -1.20
C GLN A 176 -5.84 -22.65 -0.73
N GLU A 177 -5.47 -23.77 -0.09
CA GLU A 177 -4.10 -24.01 0.38
C GLU A 177 -3.65 -22.91 1.34
N LEU A 178 -4.51 -22.57 2.31
CA LEU A 178 -4.27 -21.56 3.34
C LEU A 178 -3.98 -20.15 2.81
N LYS A 179 -4.44 -19.84 1.57
CA LYS A 179 -4.47 -18.49 1.07
C LYS A 179 -5.89 -18.13 0.68
N TYR A 180 -6.23 -16.86 0.69
CA TYR A 180 -7.59 -16.37 0.48
C TYR A 180 -7.68 -15.51 -0.77
N ASP A 181 -8.79 -15.61 -1.55
CA ASP A 181 -8.96 -14.77 -2.73
C ASP A 181 -10.44 -14.55 -3.08
N VAL A 182 -10.74 -13.52 -3.86
CA VAL A 182 -12.11 -13.24 -4.32
C VAL A 182 -12.39 -13.75 -5.75
N GLY A 183 -11.74 -14.84 -6.18
CA GLY A 183 -11.99 -15.47 -7.49
C GLY A 183 -10.98 -15.15 -8.58
N GLY A 184 -9.98 -14.34 -8.27
CA GLY A 184 -9.00 -13.89 -9.24
C GLY A 184 -8.07 -12.87 -8.62
N GLY A 185 -6.93 -12.63 -9.27
CA GLY A 185 -5.91 -11.69 -8.82
C GLY A 185 -5.05 -12.26 -7.70
N GLU A 186 -4.83 -11.46 -6.67
CA GLU A 186 -3.91 -11.77 -5.58
C GLU A 186 -4.46 -12.84 -4.63
N ARG A 187 -3.58 -13.68 -4.09
CA ARG A 187 -3.92 -14.66 -3.07
C ARG A 187 -3.24 -14.19 -1.76
N PHE A 188 -4.02 -14.07 -0.69
CA PHE A 188 -3.56 -13.43 0.55
C PHE A 188 -3.26 -14.44 1.66
N ASP A 189 -2.26 -14.12 2.50
CA ASP A 189 -1.87 -14.97 3.64
C ASP A 189 -2.96 -15.08 4.72
N SER A 190 -3.83 -14.06 4.81
CA SER A 190 -4.89 -14.06 5.82
C SER A 190 -6.11 -13.27 5.32
N LEU A 191 -7.27 -13.47 5.96
CA LEU A 191 -8.43 -12.62 5.68
C LEU A 191 -8.19 -11.18 5.98
N THR A 192 -7.43 -10.88 7.06
CA THR A 192 -7.05 -9.48 7.33
C THR A 192 -6.30 -8.82 6.20
N ASP A 193 -5.33 -9.52 5.62
CA ASP A 193 -4.58 -8.98 4.48
C ASP A 193 -5.50 -8.71 3.28
N LEU A 194 -6.42 -9.65 3.00
CA LEU A 194 -7.43 -9.49 1.97
C LEU A 194 -8.30 -8.28 2.21
N VAL A 195 -8.87 -8.14 3.43
CA VAL A 195 -9.76 -7.04 3.77
C VAL A 195 -9.02 -5.72 3.65
N GLU A 196 -7.76 -5.66 4.13
CA GLU A 196 -6.98 -4.43 4.11
C GLU A 196 -6.72 -4.01 2.67
N HIS A 197 -6.36 -4.97 1.81
CA HIS A 197 -6.21 -4.70 0.36
C HIS A 197 -7.49 -4.11 -0.24
N TYR A 198 -8.65 -4.79 -0.08
CA TYR A 198 -9.88 -4.33 -0.71
C TYR A 198 -10.53 -3.16 0.04
N LYS A 199 -10.01 -2.79 1.23
CA LYS A 199 -10.33 -1.53 1.89
C LYS A 199 -9.60 -0.35 1.21
N LYS A 200 -8.34 -0.58 0.78
CA LYS A 200 -7.55 0.43 0.09
C LYS A 200 -7.92 0.52 -1.38
N ASN A 201 -8.19 -0.66 -2.02
CA ASN A 201 -8.39 -0.82 -3.46
C ASN A 201 -9.76 -1.51 -3.64
N PRO A 202 -10.85 -0.76 -3.45
CA PRO A 202 -12.17 -1.40 -3.43
C PRO A 202 -12.53 -2.07 -4.75
N MET A 203 -13.26 -3.19 -4.63
CA MET A 203 -13.83 -3.89 -5.76
C MET A 203 -14.87 -3.00 -6.44
N VAL A 204 -14.87 -3.01 -7.79
CA VAL A 204 -15.84 -2.27 -8.59
C VAL A 204 -16.67 -3.30 -9.34
N GLU A 205 -17.99 -3.16 -9.29
CA GLU A 205 -18.88 -4.08 -9.99
C GLU A 205 -18.85 -3.78 -11.49
N THR A 206 -19.35 -4.72 -12.32
CA THR A 206 -19.44 -4.56 -13.79
C THR A 206 -20.14 -3.22 -14.15
N LEU A 207 -21.34 -3.00 -13.60
CA LEU A 207 -22.11 -1.78 -13.86
C LEU A 207 -21.69 -0.56 -13.01
N GLY A 208 -20.58 -0.66 -12.27
CA GLY A 208 -19.89 0.49 -11.71
C GLY A 208 -19.98 0.75 -10.21
N THR A 209 -20.76 -0.03 -9.45
CA THR A 209 -20.88 0.20 -8.01
C THR A 209 -19.55 -0.11 -7.33
N VAL A 210 -19.06 0.83 -6.51
CA VAL A 210 -17.81 0.62 -5.75
C VAL A 210 -18.20 0.00 -4.40
N LEU A 211 -17.65 -1.17 -4.08
CA LEU A 211 -17.96 -1.86 -2.83
C LEU A 211 -16.99 -1.35 -1.75
N GLN A 212 -17.29 -0.16 -1.20
CA GLN A 212 -16.42 0.53 -0.28
C GLN A 212 -16.55 -0.13 1.09
N LEU A 213 -15.44 -0.60 1.63
CA LEU A 213 -15.41 -1.17 2.98
C LEU A 213 -15.08 -0.03 3.98
N LYS A 214 -16.08 0.77 4.37
CA LYS A 214 -15.86 1.96 5.18
C LYS A 214 -15.72 1.60 6.66
N GLN A 215 -16.62 0.73 7.17
CA GLN A 215 -16.60 0.43 8.59
C GLN A 215 -17.15 -0.96 8.87
N PRO A 216 -16.65 -1.68 9.90
CA PRO A 216 -17.29 -2.93 10.27
C PRO A 216 -18.73 -2.72 10.73
N LEU A 217 -19.59 -3.73 10.53
CA LEU A 217 -20.95 -3.72 11.07
C LEU A 217 -20.90 -3.54 12.63
N ASN A 218 -21.67 -2.61 13.15
CA ASN A 218 -21.66 -2.31 14.58
C ASN A 218 -22.54 -3.31 15.35
N THR A 219 -21.92 -4.28 16.02
CA THR A 219 -22.60 -5.27 16.85
C THR A 219 -22.55 -4.96 18.37
N THR A 220 -21.77 -3.95 18.81
CA THR A 220 -21.59 -3.73 20.27
C THR A 220 -22.52 -2.65 20.81
N ARG A 221 -23.03 -1.75 19.96
CA ARG A 221 -24.04 -0.77 20.37
C ARG A 221 -25.32 -1.51 20.77
N ILE A 222 -25.74 -1.33 22.02
CA ILE A 222 -26.90 -1.97 22.62
C ILE A 222 -27.80 -0.90 23.17
N ASN A 223 -29.08 -1.23 23.28
CA ASN A 223 -29.99 -0.40 24.03
C ASN A 223 -29.76 -0.70 25.49
N ALA A 224 -29.71 0.32 26.34
CA ALA A 224 -29.36 0.15 27.75
C ALA A 224 -30.36 -0.75 28.47
N ALA A 225 -31.65 -0.68 28.09
CA ALA A 225 -32.69 -1.52 28.67
C ALA A 225 -32.36 -3.00 28.52
N GLU A 226 -31.75 -3.39 27.37
CA GLU A 226 -31.36 -4.79 27.07
C GLU A 226 -29.92 -5.17 27.48
N ILE A 227 -29.30 -4.44 28.43
CA ILE A 227 -27.99 -4.78 29.00
C ILE A 227 -27.95 -6.20 29.57
N GLU A 228 -28.97 -6.58 30.38
CA GLU A 228 -29.04 -7.90 31.01
C GLU A 228 -28.91 -9.07 30.02
N SER A 229 -29.49 -8.92 28.82
CA SER A 229 -29.44 -9.96 27.79
C SER A 229 -28.10 -10.02 27.12
N ARG A 230 -27.49 -8.84 26.89
CA ARG A 230 -26.12 -8.82 26.35
C ARG A 230 -25.14 -9.46 27.36
N VAL A 231 -25.29 -9.14 28.64
CA VAL A 231 -24.45 -9.69 29.69
C VAL A 231 -24.62 -11.22 29.75
N ARG A 232 -25.88 -11.73 29.75
CA ARG A 232 -26.15 -13.18 29.68
C ARG A 232 -25.39 -13.83 28.54
N GLU A 233 -25.47 -13.23 27.36
CA GLU A 233 -24.80 -13.74 26.16
C GLU A 233 -23.26 -13.76 26.31
N LEU A 234 -22.67 -12.61 26.76
CA LEU A 234 -21.23 -12.50 26.98
C LEU A 234 -20.74 -13.43 28.09
N SER A 235 -21.59 -13.78 29.05
CA SER A 235 -21.24 -14.66 30.15
C SER A 235 -21.16 -16.14 29.77
N LYS A 236 -21.66 -16.53 28.59
CA LYS A 236 -21.61 -17.91 28.12
C LYS A 236 -20.23 -18.20 27.58
N GLY A 247 -18.05 -14.28 24.12
CA GLY A 247 -17.60 -14.08 25.48
C GLY A 247 -17.10 -12.65 25.70
N PHE A 248 -17.05 -12.24 26.99
CA PHE A 248 -16.36 -11.03 27.42
C PHE A 248 -14.91 -11.04 26.96
N TRP A 249 -14.22 -12.20 27.06
CA TRP A 249 -12.83 -12.31 26.66
C TRP A 249 -12.64 -11.96 25.17
N GLU A 250 -13.47 -12.52 24.28
CA GLU A 250 -13.36 -12.32 22.85
C GLU A 250 -13.66 -10.85 22.48
N GLU A 251 -14.70 -10.25 23.07
CA GLU A 251 -15.01 -8.86 22.82
C GLU A 251 -13.86 -7.94 23.34
N PHE A 252 -13.29 -8.25 24.53
CA PHE A 252 -12.16 -7.50 25.05
C PHE A 252 -10.94 -7.61 24.12
N GLU A 253 -10.59 -8.84 23.68
CA GLU A 253 -9.47 -8.98 22.75
C GLU A 253 -9.68 -8.25 21.41
N THR A 254 -10.94 -8.14 20.93
CA THR A 254 -11.24 -7.36 19.72
C THR A 254 -10.93 -5.88 19.95
N LEU A 255 -11.32 -5.39 21.13
CA LEU A 255 -10.95 -4.02 21.52
C LEU A 255 -9.43 -3.82 21.60
N GLN A 256 -8.71 -4.75 22.25
CA GLN A 256 -7.26 -4.65 22.39
C GLN A 256 -6.54 -4.64 21.02
N GLN A 257 -7.09 -5.39 20.02
CA GLN A 257 -6.53 -5.36 18.68
C GLN A 257 -6.50 -3.97 18.08
N GLN A 258 -7.38 -3.07 18.53
CA GLN A 258 -7.48 -1.70 18.00
C GLN A 258 -6.45 -0.71 18.58
N GLU A 259 -5.63 -1.16 19.55
CA GLU A 259 -4.74 -0.27 20.31
C GLU A 259 -3.56 0.20 19.47
N CYS A 260 -3.15 -0.54 18.43
CA CYS A 260 -2.12 -0.12 17.48
CA CYS A 260 -2.08 -0.08 17.53
C CYS A 260 -2.49 1.18 16.75
N LYS A 261 -3.79 1.53 16.70
CA LYS A 261 -4.23 2.82 16.14
C LYS A 261 -3.98 4.02 17.10
N LEU A 262 -3.50 3.77 18.32
CA LEU A 262 -3.44 4.80 19.38
C LEU A 262 -2.01 5.04 19.84
N LEU A 263 -1.02 4.81 18.94
CA LEU A 263 0.37 5.07 19.28
C LEU A 263 0.73 6.51 19.05
N TYR A 264 0.00 7.41 19.73
CA TYR A 264 0.24 8.85 19.63
C TYR A 264 1.49 9.28 20.36
N SER A 265 2.04 10.46 19.97
CA SER A 265 3.31 10.86 20.54
C SER A 265 3.14 11.27 22.00
N ARG A 266 4.16 11.00 22.74
CA ARG A 266 4.35 11.26 24.16
C ARG A 266 5.75 11.92 24.35
N LYS A 267 6.12 12.87 23.46
CA LYS A 267 7.44 13.48 23.49
C LYS A 267 7.73 14.29 24.75
N GLU A 268 6.77 15.07 25.24
CA GLU A 268 7.02 15.90 26.40
C GLU A 268 7.39 15.06 27.63
N GLY A 269 6.65 13.99 27.85
CA GLY A 269 6.95 13.06 28.94
C GLY A 269 8.29 12.35 28.85
N GLN A 270 8.83 12.27 27.65
CA GLN A 270 10.14 11.65 27.34
C GLN A 270 11.34 12.60 27.55
N ARG A 271 11.10 13.92 27.82
CA ARG A 271 12.20 14.86 28.00
C ARG A 271 12.95 14.60 29.28
N GLN A 272 14.29 14.77 29.28
CA GLN A 272 15.16 14.54 30.43
C GLN A 272 14.69 15.32 31.62
N GLU A 273 14.26 16.58 31.40
CA GLU A 273 13.81 17.42 32.52
C GLU A 273 12.49 16.86 33.21
N ASN A 274 11.76 15.97 32.52
CA ASN A 274 10.46 15.41 32.96
C ASN A 274 10.54 13.96 33.42
N LYS A 275 11.68 13.28 33.21
CA LYS A 275 11.76 11.86 33.53
C LYS A 275 11.40 11.53 34.98
N ASN A 276 11.86 12.33 35.95
CA ASN A 276 11.59 12.02 37.37
C ASN A 276 10.20 12.50 37.87
N LYS A 277 9.39 13.04 36.98
CA LYS A 277 8.01 13.39 37.29
C LYS A 277 7.03 12.25 36.88
N ASN A 278 7.53 11.13 36.31
CA ASN A 278 6.73 9.98 35.92
C ASN A 278 6.93 8.86 36.94
N ARG A 279 5.86 8.24 37.40
CA ARG A 279 5.94 7.10 38.31
C ARG A 279 6.58 5.91 37.63
N TYR A 280 6.22 5.68 36.39
CA TYR A 280 6.78 4.63 35.57
C TYR A 280 7.28 5.32 34.30
N LYS A 281 8.54 5.09 33.95
CA LYS A 281 9.20 5.86 32.89
C LYS A 281 8.55 5.73 31.53
N ASN A 282 7.91 4.62 31.23
CA ASN A 282 7.25 4.42 29.94
C ASN A 282 5.76 4.58 29.98
N ILE A 283 5.15 4.97 31.11
CA ILE A 283 3.71 5.23 31.11
C ILE A 283 3.54 6.73 31.11
N LEU A 284 3.21 7.29 29.95
CA LEU A 284 3.33 8.72 29.69
C LEU A 284 2.05 9.28 29.09
N PRO A 285 1.80 10.59 29.32
CA PRO A 285 0.62 11.21 28.77
C PRO A 285 0.84 11.56 27.28
N PHE A 286 -0.21 11.38 26.49
CA PHE A 286 -0.18 11.86 25.10
C PHE A 286 0.01 13.36 25.09
N ASP A 287 0.87 13.81 24.17
CA ASP A 287 1.11 15.26 24.01
C ASP A 287 -0.16 16.02 23.69
N HIS A 288 -1.03 15.43 22.88
CA HIS A 288 -2.19 16.14 22.36
C HIS A 288 -3.32 16.37 23.37
N THR A 289 -3.31 15.65 24.48
CA THR A 289 -4.30 15.82 25.55
C THR A 289 -3.70 16.08 26.97
N ARG A 290 -2.37 16.20 27.10
CA ARG A 290 -1.72 16.38 28.40
C ARG A 290 -2.17 17.66 29.01
N VAL A 291 -2.22 17.66 30.32
CA VAL A 291 -2.47 18.89 31.06
C VAL A 291 -1.18 19.78 31.01
N VAL A 292 -1.28 20.98 30.42
CA VAL A 292 -0.15 21.94 30.42
C VAL A 292 -0.25 22.89 31.59
N LEU A 293 0.76 22.93 32.45
CA LEU A 293 0.76 23.82 33.58
C LEU A 293 1.38 25.15 33.24
N HIS A 294 0.65 26.24 33.49
CA HIS A 294 1.07 27.62 33.22
C HIS A 294 1.61 28.29 34.50
N ASP A 295 2.11 29.50 34.42
CA ASP A 295 2.54 30.28 35.60
C ASP A 295 3.55 29.58 36.51
N GLY A 296 4.47 28.86 35.90
CA GLY A 296 5.47 28.11 36.65
C GLY A 296 6.56 29.00 37.22
N ASP A 297 7.36 28.46 38.18
CA ASP A 297 8.55 29.14 38.72
C ASP A 297 9.49 29.52 37.54
N PRO A 298 9.75 30.83 37.29
CA PRO A 298 10.69 31.21 36.20
C PRO A 298 12.05 30.53 36.30
N ASN A 299 12.53 30.32 37.55
CA ASN A 299 13.77 29.59 37.82
C ASN A 299 13.77 28.10 37.44
N GLU A 300 12.60 27.45 37.34
CA GLU A 300 12.52 26.05 36.94
C GLU A 300 12.47 25.98 35.40
N PRO A 301 13.44 25.31 34.75
CA PRO A 301 13.52 25.40 33.27
C PRO A 301 12.28 24.82 32.56
N VAL A 302 11.85 23.61 32.99
CA VAL A 302 10.61 23.02 32.51
C VAL A 302 9.68 22.90 33.68
N SER A 303 8.69 23.76 33.71
CA SER A 303 7.71 23.74 34.79
C SER A 303 6.30 23.51 34.27
N ASP A 304 6.11 23.01 33.02
CA ASP A 304 4.80 22.92 32.40
C ASP A 304 4.20 21.50 32.40
N TYR A 305 4.85 20.56 33.11
CA TYR A 305 4.65 19.15 32.85
C TYR A 305 4.10 18.47 34.08
N ILE A 306 3.05 17.67 33.86
CA ILE A 306 2.56 16.71 34.84
C ILE A 306 2.06 15.47 34.03
N ASN A 307 2.20 14.32 34.62
CA ASN A 307 1.75 13.08 34.03
C ASN A 307 0.21 12.99 34.25
N ALA A 308 -0.54 13.63 33.35
CA ALA A 308 -1.99 13.79 33.48
C ALA A 308 -2.53 14.14 32.07
N ASN A 309 -3.72 13.62 31.73
CA ASN A 309 -4.47 14.02 30.52
C ASN A 309 -5.90 14.43 30.79
N ILE A 310 -6.36 15.39 30.00
CA ILE A 310 -7.76 15.70 29.86
C ILE A 310 -8.51 14.60 29.12
N ILE A 311 -9.60 14.12 29.71
CA ILE A 311 -10.50 13.13 29.12
C ILE A 311 -11.85 13.85 28.94
N MET A 312 -12.18 14.10 27.67
CA MET A 312 -13.37 14.86 27.24
C MET A 312 -14.22 13.80 26.58
N PRO A 313 -15.37 13.37 27.15
CA PRO A 313 -16.18 12.38 26.43
C PRO A 313 -16.66 12.91 25.07
N GLU A 314 -16.60 12.08 24.04
CA GLU A 314 -16.86 12.45 22.62
C GLU A 314 -17.65 11.33 21.93
N LYS A 325 -20.94 17.25 28.93
CA LYS A 325 -20.43 18.46 29.58
C LYS A 325 -19.39 18.14 30.67
N LYS A 326 -19.50 17.01 31.40
CA LYS A 326 -18.53 16.71 32.48
C LYS A 326 -17.26 16.19 31.85
N SER A 327 -16.10 16.75 32.19
CA SER A 327 -14.82 16.22 31.73
C SER A 327 -14.03 15.75 32.95
N TYR A 328 -12.95 15.01 32.66
CA TYR A 328 -12.09 14.47 33.68
C TYR A 328 -10.63 14.81 33.41
N ILE A 329 -9.82 14.74 34.46
CA ILE A 329 -8.38 14.61 34.32
C ILE A 329 -7.96 13.28 34.90
N ALA A 330 -7.32 12.42 34.07
CA ALA A 330 -6.79 11.16 34.51
C ALA A 330 -5.31 11.36 34.78
N THR A 331 -4.88 11.02 35.99
CA THR A 331 -3.51 11.20 36.39
C THR A 331 -3.00 10.08 37.26
N GLN A 332 -1.68 10.06 37.41
CA GLN A 332 -0.99 9.11 38.27
C GLN A 332 -1.09 9.54 39.75
N GLY A 333 -0.77 8.62 40.65
CA GLY A 333 -0.58 8.99 42.05
C GLY A 333 0.65 9.89 42.18
N CYS A 334 0.60 10.91 43.00
CA CYS A 334 1.71 11.84 43.23
C CYS A 334 2.96 11.15 43.64
N LEU A 335 4.07 11.68 43.16
CA LEU A 335 5.39 11.42 43.72
C LEU A 335 5.69 12.56 44.72
N GLN A 336 6.63 12.34 45.68
CA GLN A 336 7.02 13.41 46.61
C GLN A 336 7.37 14.72 45.86
N ASN A 337 8.06 14.61 44.71
CA ASN A 337 8.47 15.76 43.90
C ASN A 337 7.41 16.26 42.90
N THR A 338 6.18 15.69 42.87
CA THR A 338 5.12 16.22 42.00
C THR A 338 3.90 16.70 42.76
N VAL A 339 3.92 16.67 44.14
CA VAL A 339 2.78 17.11 44.92
C VAL A 339 2.46 18.60 44.64
N ASN A 340 3.49 19.45 44.54
CA ASN A 340 3.27 20.86 44.23
C ASN A 340 2.63 21.04 42.83
N ASP A 341 3.10 20.28 41.84
CA ASP A 341 2.51 20.31 40.49
C ASP A 341 1.06 19.82 40.47
N PHE A 342 0.74 18.74 41.23
CA PHE A 342 -0.63 18.28 41.40
C PHE A 342 -1.56 19.42 41.85
N TRP A 343 -1.15 20.19 42.89
CA TRP A 343 -2.03 21.26 43.40
C TRP A 343 -2.10 22.44 42.42
N ARG A 344 -1.00 22.71 41.73
CA ARG A 344 -1.04 23.68 40.62
C ARG A 344 -2.05 23.32 39.55
N MET A 345 -2.13 22.04 39.15
CA MET A 345 -3.09 21.54 38.18
C MET A 345 -4.53 21.72 38.70
N VAL A 346 -4.77 21.28 39.95
CA VAL A 346 -6.10 21.40 40.57
C VAL A 346 -6.58 22.84 40.53
N PHE A 347 -5.71 23.73 40.97
CA PHE A 347 -6.03 25.17 41.04
C PHE A 347 -6.31 25.72 39.62
N GLN A 348 -5.38 25.51 38.72
CA GLN A 348 -5.47 26.03 37.35
C GLN A 348 -6.70 25.57 36.60
N GLU A 349 -7.04 24.29 36.74
CA GLU A 349 -8.15 23.73 36.04
C GLU A 349 -9.51 23.95 36.73
N ASN A 350 -9.50 24.60 37.91
CA ASN A 350 -10.68 24.85 38.69
C ASN A 350 -11.39 23.56 39.10
N SER A 351 -10.67 22.46 39.22
CA SER A 351 -11.24 21.20 39.70
C SER A 351 -11.68 21.39 41.20
N ARG A 352 -12.87 20.85 41.49
CA ARG A 352 -13.46 20.84 42.77
C ARG A 352 -13.70 19.50 43.38
N VAL A 353 -13.44 18.40 42.63
CA VAL A 353 -13.66 17.06 43.10
C VAL A 353 -12.45 16.22 42.61
N ILE A 354 -11.87 15.44 43.56
CA ILE A 354 -10.80 14.49 43.29
C ILE A 354 -11.33 13.12 43.68
N VAL A 355 -11.09 12.13 42.85
CA VAL A 355 -11.39 10.72 43.10
C VAL A 355 -10.06 10.00 43.17
N MET A 356 -9.76 9.37 44.33
CA MET A 356 -8.55 8.58 44.52
C MET A 356 -8.99 7.15 44.60
N THR A 357 -8.44 6.28 43.79
CA THR A 357 -8.94 4.86 43.78
C THR A 357 -7.93 3.83 44.27
N THR A 358 -6.93 4.23 45.00
CA THR A 358 -5.96 3.34 45.63
CA THR A 358 -6.06 3.26 45.71
C THR A 358 -5.83 3.73 47.12
N LYS A 359 -5.45 2.77 47.98
CA LYS A 359 -4.86 3.17 49.25
C LYS A 359 -3.48 3.80 48.96
N GLU A 360 -2.94 4.53 49.91
CA GLU A 360 -1.58 5.10 49.77
C GLU A 360 -0.53 3.96 49.58
N VAL A 361 -0.76 2.83 50.23
CA VAL A 361 0.16 1.70 50.21
C VAL A 361 -0.66 0.43 50.01
N GLU A 362 -0.23 -0.42 49.05
CA GLU A 362 -0.84 -1.71 48.82
C GLU A 362 0.28 -2.68 48.59
N ARG A 363 0.21 -3.84 49.20
CA ARG A 363 1.23 -4.92 49.07
C ARG A 363 2.62 -4.37 49.51
N GLY A 364 2.63 -3.55 50.54
CA GLY A 364 3.85 -2.90 51.00
C GLY A 364 4.50 -1.94 50.06
N LYS A 365 3.84 -1.54 48.96
CA LYS A 365 4.40 -0.64 47.96
C LYS A 365 3.63 0.68 47.96
N SER A 366 4.32 1.81 47.75
CA SER A 366 3.68 3.11 47.77
C SER A 366 3.00 3.25 46.36
N LYS A 367 1.73 3.54 46.37
CA LYS A 367 0.95 3.79 45.15
C LYS A 367 0.62 5.26 44.92
N CYS A 368 0.59 6.04 45.99
CA CYS A 368 0.36 7.50 45.91
CA CYS A 368 0.12 7.45 45.96
C CYS A 368 0.75 8.12 47.20
N VAL A 369 1.60 9.16 47.14
CA VAL A 369 2.02 9.80 48.38
C VAL A 369 0.82 10.55 48.96
N LYS A 370 0.85 10.78 50.26
CA LYS A 370 -0.18 11.61 50.89
C LYS A 370 0.05 13.04 50.45
N TYR A 371 -0.84 13.60 49.69
CA TYR A 371 -0.67 14.98 49.17
C TYR A 371 -1.62 15.97 49.87
N TRP A 372 -2.31 15.53 50.94
CA TRP A 372 -3.32 16.36 51.63
C TRP A 372 -2.88 16.46 53.12
N PRO A 373 -3.26 17.51 53.83
CA PRO A 373 -2.93 17.57 55.26
C PRO A 373 -3.74 16.60 56.11
N ASP A 374 -3.22 16.28 57.30
CA ASP A 374 -4.04 15.68 58.36
C ASP A 374 -5.30 16.48 58.66
N GLU A 375 -6.37 15.79 59.17
CA GLU A 375 -7.62 16.48 59.51
C GLU A 375 -7.36 17.69 60.46
N TYR A 376 -8.00 18.84 60.16
CA TYR A 376 -7.85 20.11 60.84
C TYR A 376 -6.49 20.85 60.58
N ALA A 377 -5.54 20.26 59.86
CA ALA A 377 -4.24 20.88 59.63
C ALA A 377 -4.25 21.73 58.33
N LEU A 378 -3.29 22.66 58.27
CA LEU A 378 -3.04 23.53 57.13
C LEU A 378 -1.61 23.28 56.71
N LYS A 379 -1.37 23.04 55.41
CA LYS A 379 -0.01 22.89 54.87
C LYS A 379 0.11 23.73 53.58
N GLU A 380 1.34 24.23 53.33
CA GLU A 380 1.72 24.87 52.08
C GLU A 380 2.40 23.84 51.18
N TYR A 381 1.98 23.79 49.92
CA TYR A 381 2.58 22.97 48.88
C TYR A 381 3.03 23.95 47.82
N GLY A 382 4.28 24.38 47.93
CA GLY A 382 4.78 25.47 47.07
C GLY A 382 3.94 26.73 47.22
N VAL A 383 3.42 27.27 46.09
CA VAL A 383 2.58 28.47 46.07
C VAL A 383 1.13 28.23 46.53
N MET A 384 0.72 26.98 46.76
CA MET A 384 -0.65 26.62 47.11
C MET A 384 -0.73 26.28 48.62
N ARG A 385 -1.85 26.57 49.22
CA ARG A 385 -2.12 26.31 50.63
C ARG A 385 -3.40 25.44 50.67
N VAL A 386 -3.39 24.40 51.46
CA VAL A 386 -4.48 23.47 51.63
C VAL A 386 -4.81 23.31 53.07
N ARG A 387 -6.04 23.54 53.45
CA ARG A 387 -6.60 23.15 54.72
C ARG A 387 -7.46 21.88 54.63
N ASN A 388 -7.27 20.92 55.52
CA ASN A 388 -8.20 19.78 55.60
C ASN A 388 -9.27 20.16 56.64
N VAL A 389 -10.44 20.61 56.19
CA VAL A 389 -11.53 21.12 57.04
C VAL A 389 -12.18 20.00 57.87
N LYS A 390 -12.42 18.86 57.26
CA LYS A 390 -13.14 17.76 57.93
C LYS A 390 -13.07 16.50 57.09
N GLU A 391 -12.92 15.34 57.74
CA GLU A 391 -13.02 14.05 57.09
C GLU A 391 -14.25 13.30 57.58
N SER A 392 -14.88 12.54 56.67
CA SER A 392 -16.09 11.77 56.96
C SER A 392 -15.85 10.39 56.39
N ALA A 393 -16.02 9.34 57.19
CA ALA A 393 -15.77 7.98 56.74
C ALA A 393 -17.12 7.31 56.45
N ALA A 394 -17.19 6.63 55.35
CA ALA A 394 -18.28 5.78 54.92
C ALA A 394 -17.66 4.37 54.83
N HIS A 395 -18.44 3.32 54.55
CA HIS A 395 -17.91 1.98 54.50
C HIS A 395 -16.81 1.84 53.40
N ASP A 396 -17.09 2.30 52.19
CA ASP A 396 -16.17 2.09 51.06
C ASP A 396 -15.18 3.26 50.80
N TYR A 397 -15.37 4.41 51.42
CA TYR A 397 -14.59 5.58 51.12
C TYR A 397 -14.55 6.55 52.26
N THR A 398 -13.58 7.48 52.20
CA THR A 398 -13.43 8.65 53.07
C THR A 398 -13.55 9.84 52.22
N LEU A 399 -14.32 10.79 52.67
CA LEU A 399 -14.42 12.08 52.02
C LEU A 399 -13.62 13.07 52.85
N ARG A 400 -12.79 13.87 52.21
CA ARG A 400 -12.03 14.94 52.88
C ARG A 400 -12.44 16.24 52.23
N GLU A 401 -12.90 17.17 53.04
CA GLU A 401 -13.26 18.50 52.61
C GLU A 401 -12.04 19.39 52.75
N LEU A 402 -11.44 19.77 51.62
CA LEU A 402 -10.19 20.50 51.56
C LEU A 402 -10.48 21.93 51.10
N LYS A 403 -9.74 22.89 51.61
CA LYS A 403 -9.79 24.25 51.10
C LYS A 403 -8.43 24.61 50.48
N LEU A 404 -8.44 24.97 49.20
CA LEU A 404 -7.27 25.22 48.39
C LEU A 404 -7.26 26.72 48.03
N SER A 405 -6.13 27.35 48.22
CA SER A 405 -5.94 28.76 47.86
C SER A 405 -4.49 29.00 47.45
N LYS A 406 -4.21 30.15 46.81
CA LYS A 406 -2.86 30.55 46.51
C LYS A 406 -2.35 31.37 47.65
N VAL A 407 -1.17 31.04 48.09
CA VAL A 407 -0.47 31.82 49.13
C VAL A 407 -0.38 33.32 48.66
N GLY A 408 -0.73 34.22 49.54
CA GLY A 408 -0.71 35.66 49.27
C GLY A 408 -1.98 36.19 48.62
N GLN A 409 -3.01 35.34 48.40
CA GLN A 409 -4.21 35.75 47.65
C GLN A 409 -5.45 35.05 48.25
N GLY A 410 -5.95 35.65 49.35
CA GLY A 410 -7.01 35.08 50.18
C GLY A 410 -8.27 34.72 49.42
N ASN A 411 -8.71 35.63 48.57
CA ASN A 411 -9.92 35.49 47.80
C ASN A 411 -9.88 34.40 46.72
N THR A 412 -8.78 33.64 46.61
CA THR A 412 -8.70 32.53 45.69
C THR A 412 -9.15 31.22 46.29
N GLU A 413 -9.60 31.19 47.53
CA GLU A 413 -9.96 29.93 48.19
C GLU A 413 -11.17 29.27 47.51
N ARG A 414 -11.10 27.95 47.31
CA ARG A 414 -12.23 27.16 46.91
C ARG A 414 -12.17 25.84 47.61
N THR A 415 -13.33 25.23 47.82
CA THR A 415 -13.43 23.89 48.36
C THR A 415 -13.19 22.86 47.25
N VAL A 416 -12.37 21.87 47.61
CA VAL A 416 -12.04 20.70 46.83
C VAL A 416 -12.43 19.49 47.68
N TRP A 417 -13.28 18.64 47.13
CA TRP A 417 -13.82 17.50 47.84
C TRP A 417 -13.08 16.31 47.33
N GLN A 418 -12.35 15.63 48.20
CA GLN A 418 -11.59 14.47 47.83
C GLN A 418 -12.28 13.20 48.30
N TYR A 419 -12.65 12.39 47.37
CA TYR A 419 -13.33 11.10 47.56
C TYR A 419 -12.32 10.01 47.42
N HIS A 420 -11.97 9.39 48.55
CA HIS A 420 -10.92 8.40 48.61
C HIS A 420 -11.53 7.01 48.76
N PHE A 421 -11.59 6.26 47.64
CA PHE A 421 -12.14 4.92 47.60
C PHE A 421 -11.10 3.98 48.25
N ARG A 422 -11.48 3.23 49.29
CA ARG A 422 -10.49 2.53 50.13
C ARG A 422 -10.63 1.01 50.06
N THR A 423 -11.72 0.47 49.43
CA THR A 423 -11.97 -0.96 49.50
C THR A 423 -11.73 -1.70 48.21
N TRP A 424 -11.16 -1.07 47.16
CA TRP A 424 -10.88 -1.81 45.93
C TRP A 424 -9.87 -2.96 46.25
N PRO A 425 -10.10 -4.19 45.80
CA PRO A 425 -9.15 -5.29 46.19
C PRO A 425 -7.70 -5.09 45.65
N ASP A 426 -6.60 -5.64 46.27
CA ASP A 426 -5.19 -5.40 45.78
C ASP A 426 -4.96 -5.87 44.31
N HIS A 427 -5.59 -6.96 43.97
CA HIS A 427 -5.64 -7.50 42.61
C HIS A 427 -7.13 -7.76 42.22
N GLY A 428 -7.40 -7.76 40.96
CA GLY A 428 -8.70 -7.98 40.37
C GLY A 428 -9.65 -6.83 40.59
N VAL A 429 -10.95 -7.12 40.68
CA VAL A 429 -12.00 -6.07 40.75
C VAL A 429 -12.95 -6.40 41.89
N PRO A 430 -13.74 -5.43 42.40
CA PRO A 430 -14.77 -5.79 43.41
C PRO A 430 -15.72 -6.89 42.91
N SER A 431 -16.13 -7.78 43.81
CA SER A 431 -17.06 -8.88 43.43
C SER A 431 -18.47 -8.32 43.13
N ASP A 432 -18.87 -7.25 43.81
CA ASP A 432 -20.15 -6.58 43.57
C ASP A 432 -19.89 -5.06 43.21
N PRO A 433 -20.55 -4.50 42.18
CA PRO A 433 -20.35 -3.08 41.82
C PRO A 433 -21.13 -2.04 42.61
N GLY A 434 -21.93 -2.46 43.60
CA GLY A 434 -22.80 -1.54 44.34
C GLY A 434 -22.04 -0.45 45.06
N GLY A 435 -20.89 -0.82 45.64
CA GLY A 435 -20.05 0.15 46.33
C GLY A 435 -19.47 1.23 45.42
N VAL A 436 -18.87 0.83 44.30
CA VAL A 436 -18.39 1.79 43.29
C VAL A 436 -19.51 2.66 42.76
N LEU A 437 -20.70 2.08 42.49
CA LEU A 437 -21.82 2.86 41.93
C LEU A 437 -22.36 3.89 42.94
N ASP A 438 -22.51 3.52 44.22
CA ASP A 438 -22.94 4.49 45.24
C ASP A 438 -21.88 5.63 45.39
N PHE A 439 -20.60 5.25 45.38
CA PHE A 439 -19.50 6.25 45.39
C PHE A 439 -19.60 7.23 44.20
N LEU A 440 -19.68 6.71 42.95
CA LEU A 440 -19.78 7.55 41.76
C LEU A 440 -21.04 8.40 41.74
N GLU A 441 -22.18 7.88 42.27
CA GLU A 441 -23.41 8.71 42.38
C GLU A 441 -23.18 9.91 43.27
N GLU A 442 -22.56 9.70 44.42
CA GLU A 442 -22.26 10.75 45.35
C GLU A 442 -21.24 11.79 44.76
N VAL A 443 -20.20 11.27 44.07
CA VAL A 443 -19.23 12.11 43.36
C VAL A 443 -19.93 12.97 42.33
N HIS A 444 -20.80 12.35 41.55
CA HIS A 444 -21.56 13.04 40.52
C HIS A 444 -22.40 14.16 41.09
N HIS A 445 -23.14 13.89 42.17
CA HIS A 445 -24.01 14.90 42.77
C HIS A 445 -23.20 16.04 43.32
N LYS A 446 -22.04 15.75 43.94
CA LYS A 446 -21.18 16.84 44.45
C LYS A 446 -20.75 17.74 43.30
N GLN A 447 -20.25 17.14 42.20
CA GLN A 447 -19.78 17.89 41.02
C GLN A 447 -20.92 18.74 40.45
N GLU A 448 -22.06 18.12 40.24
CA GLU A 448 -23.24 18.83 39.72
C GLU A 448 -23.72 19.99 40.59
N SER A 449 -23.52 19.95 41.91
CA SER A 449 -23.92 21.00 42.85
C SER A 449 -23.02 22.26 42.80
N ILE A 450 -21.87 22.21 42.14
CA ILE A 450 -20.90 23.31 42.20
C ILE A 450 -20.88 24.03 40.87
N MET A 451 -21.32 25.29 40.87
CA MET A 451 -21.38 26.08 39.65
C MET A 451 -19.98 26.28 39.03
N ASP A 452 -19.88 26.01 37.73
CA ASP A 452 -18.64 26.19 36.94
C ASP A 452 -17.43 25.35 37.43
N ALA A 453 -17.65 24.27 38.20
CA ALA A 453 -16.57 23.34 38.53
C ALA A 453 -15.83 22.86 37.26
N GLY A 454 -14.53 22.76 37.36
CA GLY A 454 -13.69 22.17 36.36
C GLY A 454 -13.77 20.66 36.30
N PRO A 455 -12.85 20.04 35.54
CA PRO A 455 -12.90 18.58 35.39
C PRO A 455 -12.69 17.86 36.71
N VAL A 456 -13.27 16.68 36.85
CA VAL A 456 -13.10 15.86 38.02
C VAL A 456 -11.74 15.15 37.88
N VAL A 457 -10.90 15.25 38.89
CA VAL A 457 -9.59 14.61 38.83
C VAL A 457 -9.75 13.19 39.31
N VAL A 458 -9.21 12.23 38.60
CA VAL A 458 -9.32 10.81 38.97
C VAL A 458 -7.91 10.25 38.94
N HIS A 459 -7.48 9.58 40.04
CA HIS A 459 -6.12 9.03 40.01
C HIS A 459 -6.09 7.73 40.79
N CYS A 460 -5.23 6.83 40.36
CA CYS A 460 -4.98 5.61 41.09
C CYS A 460 -3.42 5.70 41.34
N SER A 461 -2.63 4.75 40.87
CA SER A 461 -1.17 4.54 40.94
C SER A 461 -0.56 5.01 39.57
N ALA A 462 -0.72 4.26 38.46
CA ALA A 462 -0.26 4.70 37.12
C ALA A 462 -1.28 5.63 36.44
N GLY A 463 -2.52 5.62 36.95
CA GLY A 463 -3.58 6.44 36.42
C GLY A 463 -4.18 5.97 35.08
N ILE A 464 -4.17 4.63 34.83
CA ILE A 464 -4.75 4.08 33.60
C ILE A 464 -5.76 2.91 33.85
N GLY A 465 -5.58 2.05 34.88
CA GLY A 465 -6.39 0.86 35.01
C GLY A 465 -7.66 1.13 35.80
N ARG A 466 -7.52 1.26 37.13
CA ARG A 466 -8.67 1.68 37.97
C ARG A 466 -9.23 3.01 37.54
N THR A 467 -8.34 3.97 37.25
CA THR A 467 -8.74 5.32 36.83
C THR A 467 -9.61 5.25 35.56
N GLY A 468 -9.15 4.48 34.58
CA GLY A 468 -9.87 4.30 33.31
C GLY A 468 -11.21 3.64 33.58
N THR A 469 -11.25 2.64 34.47
CA THR A 469 -12.48 1.92 34.82
C THR A 469 -13.52 2.83 35.44
N PHE A 470 -13.12 3.59 36.45
CA PHE A 470 -14.01 4.54 37.13
C PHE A 470 -14.52 5.59 36.11
N ILE A 471 -13.63 6.15 35.28
CA ILE A 471 -14.05 7.13 34.31
C ILE A 471 -15.06 6.55 33.28
N VAL A 472 -14.79 5.37 32.72
CA VAL A 472 -15.68 4.79 31.70
C VAL A 472 -17.07 4.47 32.32
N ILE A 473 -17.12 3.89 33.53
CA ILE A 473 -18.37 3.66 34.26
C ILE A 473 -19.11 4.98 34.42
N ASP A 474 -18.40 6.03 34.87
CA ASP A 474 -19.02 7.30 35.04
C ASP A 474 -19.62 7.87 33.74
N ILE A 475 -18.89 7.80 32.65
CA ILE A 475 -19.34 8.25 31.32
C ILE A 475 -20.62 7.51 30.88
N LEU A 476 -20.61 6.20 30.94
CA LEU A 476 -21.74 5.36 30.58
C LEU A 476 -22.98 5.65 31.42
N ILE A 477 -22.84 5.65 32.76
CA ILE A 477 -23.92 5.97 33.69
C ILE A 477 -24.45 7.36 33.45
N ASP A 478 -23.59 8.32 33.13
CA ASP A 478 -24.06 9.66 32.80
C ASP A 478 -25.05 9.68 31.61
N ILE A 479 -24.78 8.94 30.53
CA ILE A 479 -25.71 8.76 29.39
C ILE A 479 -27.10 8.30 29.89
N ILE A 480 -27.10 7.27 30.69
CA ILE A 480 -28.31 6.66 31.22
C ILE A 480 -29.03 7.59 32.17
N ARG A 481 -28.29 8.40 32.96
CA ARG A 481 -28.85 9.43 33.86
C ARG A 481 -29.62 10.53 33.10
N GLU A 482 -29.09 10.99 31.96
CA GLU A 482 -29.76 12.01 31.17
C GLU A 482 -30.89 11.43 30.27
N LYS A 483 -30.64 10.28 29.61
CA LYS A 483 -31.57 9.73 28.61
C LYS A 483 -32.46 8.60 29.11
N GLY A 484 -32.33 8.20 30.35
CA GLY A 484 -33.06 7.06 30.89
C GLY A 484 -32.60 5.73 30.36
N VAL A 485 -33.25 4.70 30.89
CA VAL A 485 -33.11 3.28 30.57
C VAL A 485 -33.18 2.98 29.04
N ASP A 486 -33.87 3.81 28.22
CA ASP A 486 -33.91 3.63 26.76
C ASP A 486 -33.03 4.63 26.01
N CYS A 487 -31.71 4.30 25.94
CA CYS A 487 -30.70 5.01 25.14
C CYS A 487 -29.66 4.00 24.63
N ASP A 488 -28.87 4.36 23.60
CA ASP A 488 -27.83 3.46 23.11
C ASP A 488 -26.52 3.67 23.92
N ILE A 489 -25.89 2.55 24.28
CA ILE A 489 -24.53 2.55 24.79
C ILE A 489 -23.67 1.55 23.99
N ASP A 490 -22.36 1.82 23.94
CA ASP A 490 -21.40 1.00 23.24
C ASP A 490 -20.11 1.00 24.06
N VAL A 491 -19.94 -0.02 24.89
CA VAL A 491 -18.85 -0.11 25.84
C VAL A 491 -17.48 -0.06 25.13
N PRO A 492 -17.17 -0.97 24.15
CA PRO A 492 -15.84 -0.92 23.56
C PRO A 492 -15.59 0.35 22.79
N LYS A 493 -16.62 0.95 22.12
CA LYS A 493 -16.37 2.17 21.38
C LYS A 493 -16.04 3.35 22.36
N THR A 494 -16.72 3.38 23.51
CA THR A 494 -16.45 4.38 24.59
C THR A 494 -15.04 4.20 25.13
N ILE A 495 -14.64 2.98 25.40
CA ILE A 495 -13.29 2.70 25.89
C ILE A 495 -12.24 3.11 24.85
N GLN A 496 -12.43 2.78 23.56
CA GLN A 496 -11.49 3.21 22.49
C GLN A 496 -11.35 4.73 22.47
N MET A 497 -12.46 5.44 22.63
CA MET A 497 -12.48 6.91 22.61
C MET A 497 -11.66 7.51 23.85
N VAL A 498 -11.81 6.91 25.02
CA VAL A 498 -11.06 7.32 26.23
C VAL A 498 -9.57 6.94 26.05
N ARG A 499 -9.27 5.75 25.50
CA ARG A 499 -7.91 5.31 25.17
C ARG A 499 -7.18 6.19 24.17
N SER A 500 -7.91 6.91 23.25
CA SER A 500 -7.27 7.89 22.39
C SER A 500 -6.83 9.17 23.13
N GLN A 501 -7.24 9.33 24.41
CA GLN A 501 -6.88 10.50 25.18
C GLN A 501 -5.86 10.20 26.31
N ARG A 502 -5.74 8.96 26.74
CA ARG A 502 -4.63 8.55 27.61
C ARG A 502 -4.40 7.07 27.40
N SER A 503 -3.13 6.68 27.38
CA SER A 503 -2.73 5.32 27.04
C SER A 503 -3.24 4.28 27.96
N GLY A 504 -3.83 3.23 27.39
CA GLY A 504 -4.17 2.04 28.12
C GLY A 504 -5.30 2.19 29.12
N MET A 505 -6.20 3.21 28.96
CA MET A 505 -7.34 3.37 29.87
C MET A 505 -8.20 2.09 29.84
N VAL A 506 -8.35 1.44 31.00
CA VAL A 506 -8.94 0.12 31.21
C VAL A 506 -7.92 -0.93 30.80
N GLN A 507 -7.36 -1.61 31.77
CA GLN A 507 -6.18 -2.48 31.60
C GLN A 507 -6.51 -3.95 31.35
N THR A 508 -7.59 -4.46 31.96
CA THR A 508 -7.81 -5.92 32.00
C THR A 508 -9.21 -6.34 31.58
N GLU A 509 -9.35 -7.60 31.16
CA GLU A 509 -10.64 -8.22 30.91
C GLU A 509 -11.51 -8.20 32.15
N ALA A 510 -10.96 -8.36 33.37
CA ALA A 510 -11.74 -8.29 34.58
C ALA A 510 -12.39 -6.91 34.78
N GLN A 511 -11.66 -5.84 34.51
CA GLN A 511 -12.22 -4.48 34.56
C GLN A 511 -13.26 -4.29 33.45
N TYR A 512 -13.01 -4.82 32.28
CA TYR A 512 -13.96 -4.75 31.16
C TYR A 512 -15.31 -5.39 31.53
N ARG A 513 -15.26 -6.62 32.08
CA ARG A 513 -16.44 -7.30 32.62
C ARG A 513 -17.09 -6.48 33.75
N PHE A 514 -16.27 -5.90 34.65
CA PHE A 514 -16.79 -5.10 35.75
C PHE A 514 -17.57 -3.89 35.26
N ILE A 515 -17.14 -3.26 34.15
CA ILE A 515 -17.84 -2.13 33.53
C ILE A 515 -19.26 -2.56 33.09
N TYR A 516 -19.37 -3.68 32.38
CA TYR A 516 -20.68 -4.24 32.03
C TYR A 516 -21.53 -4.55 33.27
N MET A 517 -20.94 -5.19 34.29
CA MET A 517 -21.65 -5.51 35.54
C MET A 517 -22.14 -4.28 36.24
N ALA A 518 -21.32 -3.19 36.23
CA ALA A 518 -21.68 -1.99 36.93
C ALA A 518 -22.87 -1.34 36.24
N VAL A 519 -22.82 -1.24 34.90
CA VAL A 519 -23.89 -0.63 34.14
C VAL A 519 -25.19 -1.48 34.32
N GLN A 520 -25.11 -2.81 34.24
CA GLN A 520 -26.27 -3.70 34.52
C GLN A 520 -26.91 -3.40 35.90
N HIS A 521 -26.07 -3.33 36.97
CA HIS A 521 -26.52 -3.07 38.34
C HIS A 521 -27.15 -1.70 38.43
N TYR A 522 -26.57 -0.71 37.76
CA TYR A 522 -27.14 0.64 37.73
C TYR A 522 -28.57 0.67 37.09
N ILE A 523 -28.73 0.04 35.93
CA ILE A 523 -30.01 -0.09 35.21
C ILE A 523 -31.04 -0.80 36.12
N GLU A 524 -30.66 -1.93 36.75
CA GLU A 524 -31.55 -2.66 37.68
C GLU A 524 -32.01 -1.78 38.85
N THR A 525 -31.09 -1.10 39.57
CA THR A 525 -31.52 -0.20 40.66
C THR A 525 -32.43 0.94 40.16
N LEU A 526 -32.33 1.35 38.88
CA LEU A 526 -33.12 2.46 38.31
C LEU A 526 -34.55 1.99 37.99
N GLN A 527 -34.69 0.74 37.51
CA GLN A 527 -35.95 0.07 37.27
C GLN A 527 -36.71 -0.15 38.58
N ARG A 528 -36.02 -0.65 39.62
CA ARG A 528 -36.62 -0.83 40.95
C ARG A 528 -37.20 0.49 41.49
N ARG A 529 -36.49 1.61 41.26
CA ARG A 529 -36.94 2.94 41.64
C ARG A 529 -37.99 3.50 40.67
N SER B 4 2.42 -4.49 -12.49
CA SER B 4 3.54 -5.07 -11.75
C SER B 4 4.39 -6.09 -12.60
N ARG B 5 3.69 -6.93 -13.39
CA ARG B 5 4.25 -7.98 -14.28
C ARG B 5 5.06 -9.06 -13.60
N ARG B 6 4.70 -9.33 -12.38
CA ARG B 6 5.35 -10.32 -11.54
C ARG B 6 5.19 -11.77 -12.11
N TRP B 7 4.17 -12.01 -12.97
CA TRP B 7 3.86 -13.33 -13.54
C TRP B 7 4.83 -13.78 -14.63
N PHE B 8 5.79 -12.92 -15.06
CA PHE B 8 6.80 -13.29 -16.04
C PHE B 8 8.06 -13.70 -15.30
N HIS B 9 8.52 -14.92 -15.56
CA HIS B 9 9.69 -15.52 -14.93
C HIS B 9 10.80 -15.66 -16.00
N PRO B 10 11.81 -14.77 -16.04
CA PRO B 10 12.78 -14.82 -17.15
C PRO B 10 13.74 -16.00 -17.23
N ASN B 11 14.03 -16.68 -16.10
CA ASN B 11 15.09 -17.72 -16.07
C ASN B 11 14.57 -19.01 -15.45
N ILE B 12 13.46 -19.52 -15.99
CA ILE B 12 12.82 -20.70 -15.47
C ILE B 12 12.67 -21.72 -16.62
N THR B 13 12.95 -23.01 -16.35
CA THR B 13 12.69 -24.08 -17.31
C THR B 13 11.19 -24.47 -17.25
N GLY B 14 10.72 -25.20 -18.26
CA GLY B 14 9.39 -25.80 -18.26
C GLY B 14 9.07 -26.62 -17.03
N VAL B 15 10.03 -27.47 -16.58
CA VAL B 15 9.79 -28.33 -15.42
C VAL B 15 9.82 -27.50 -14.13
N GLU B 16 10.73 -26.51 -14.00
CA GLU B 16 10.63 -25.55 -12.89
C GLU B 16 9.26 -24.84 -12.85
N ALA B 17 8.70 -24.48 -14.01
CA ALA B 17 7.38 -23.87 -14.08
C ALA B 17 6.27 -24.82 -13.65
N GLU B 18 6.34 -26.09 -14.09
CA GLU B 18 5.36 -27.09 -13.68
C GLU B 18 5.36 -27.28 -12.17
N ASN B 19 6.56 -27.41 -11.60
CA ASN B 19 6.69 -27.65 -10.16
C ASN B 19 6.22 -26.46 -9.36
N LEU B 20 6.54 -25.24 -9.83
CA LEU B 20 6.04 -24.03 -9.17
C LEU B 20 4.52 -23.97 -9.14
N LEU B 21 3.89 -24.29 -10.29
CA LEU B 21 2.44 -24.21 -10.36
C LEU B 21 1.77 -25.30 -9.53
N LEU B 22 2.40 -26.48 -9.44
CA LEU B 22 1.87 -27.59 -8.67
C LEU B 22 2.09 -27.42 -7.16
N THR B 23 3.23 -26.85 -6.73
CA THR B 23 3.54 -26.70 -5.31
C THR B 23 3.07 -25.37 -4.71
N ARG B 24 3.14 -24.28 -5.49
CA ARG B 24 2.82 -22.95 -4.98
C ARG B 24 1.53 -22.34 -5.57
N GLY B 25 0.95 -22.94 -6.61
CA GLY B 25 -0.27 -22.44 -7.21
C GLY B 25 -1.48 -23.30 -6.94
N VAL B 26 -2.61 -22.85 -7.46
CA VAL B 26 -3.89 -23.56 -7.48
C VAL B 26 -4.44 -23.58 -8.92
N ASP B 27 -5.57 -24.28 -9.18
CA ASP B 27 -6.27 -24.17 -10.45
C ASP B 27 -6.62 -22.72 -10.80
N GLY B 28 -6.27 -22.31 -12.00
CA GLY B 28 -6.33 -20.92 -12.44
C GLY B 28 -5.02 -20.17 -12.28
N SER B 29 -4.04 -20.73 -11.58
CA SER B 29 -2.72 -20.13 -11.48
C SER B 29 -2.00 -20.16 -12.85
N PHE B 30 -1.19 -19.12 -13.09
CA PHE B 30 -0.47 -19.04 -14.36
C PHE B 30 0.81 -18.23 -14.24
N LEU B 31 1.69 -18.48 -15.20
CA LEU B 31 2.88 -17.68 -15.39
C LEU B 31 3.27 -17.69 -16.87
N ALA B 32 4.06 -16.74 -17.27
CA ALA B 32 4.65 -16.72 -18.61
C ALA B 32 6.17 -16.75 -18.49
N ARG B 33 6.83 -17.30 -19.50
CA ARG B 33 8.27 -17.43 -19.51
C ARG B 33 8.86 -17.46 -20.92
N PRO B 34 10.16 -17.11 -21.08
CA PRO B 34 10.80 -17.28 -22.37
C PRO B 34 10.82 -18.76 -22.72
N SER B 35 10.79 -19.07 -24.00
CA SER B 35 10.84 -20.45 -24.42
C SER B 35 12.30 -20.86 -24.56
N LYS B 36 12.63 -21.97 -23.94
CA LYS B 36 13.96 -22.57 -24.00
C LYS B 36 14.09 -23.37 -25.30
N SER B 37 13.06 -24.16 -25.64
CA SER B 37 12.99 -24.89 -26.91
C SER B 37 13.14 -23.98 -28.17
N ASN B 38 12.29 -22.94 -28.36
CA ASN B 38 12.36 -22.04 -29.52
C ASN B 38 12.66 -20.63 -29.05
N PRO B 39 13.94 -20.23 -28.95
CA PRO B 39 14.27 -18.87 -28.48
C PRO B 39 13.71 -17.77 -29.39
N GLY B 40 13.38 -16.65 -28.75
CA GLY B 40 12.55 -15.61 -29.35
C GLY B 40 11.07 -15.79 -29.11
N ASP B 41 10.62 -16.99 -28.67
CA ASP B 41 9.23 -17.26 -28.38
C ASP B 41 9.00 -17.41 -26.85
N PHE B 42 7.74 -17.66 -26.44
CA PHE B 42 7.32 -17.65 -25.04
C PHE B 42 6.28 -18.75 -24.80
N THR B 43 6.05 -19.05 -23.54
CA THR B 43 5.09 -20.06 -23.13
C THR B 43 4.26 -19.49 -21.98
N LEU B 44 2.94 -19.67 -22.07
CA LEU B 44 2.02 -19.38 -21.01
C LEU B 44 1.73 -20.73 -20.36
N SER B 45 2.15 -20.90 -19.10
CA SER B 45 1.94 -22.15 -18.36
C SER B 45 0.80 -21.93 -17.36
N VAL B 46 -0.24 -22.78 -17.41
CA VAL B 46 -1.49 -22.60 -16.69
C VAL B 46 -1.85 -23.87 -15.95
N ARG B 47 -2.34 -23.74 -14.71
CA ARG B 47 -2.82 -24.89 -13.93
C ARG B 47 -4.32 -25.01 -14.06
N ARG B 48 -4.79 -26.19 -14.43
CA ARG B 48 -6.21 -26.48 -14.44
C ARG B 48 -6.44 -27.97 -14.19
N ASN B 49 -7.48 -28.29 -13.42
CA ASN B 49 -7.80 -29.66 -12.97
C ASN B 49 -6.58 -30.41 -12.38
N GLY B 50 -5.82 -29.74 -11.52
CA GLY B 50 -4.60 -30.31 -10.91
C GLY B 50 -3.48 -30.72 -11.87
N ALA B 51 -3.51 -30.23 -13.13
CA ALA B 51 -2.43 -30.49 -14.11
C ALA B 51 -2.00 -29.17 -14.78
N VAL B 52 -0.79 -29.12 -15.35
CA VAL B 52 -0.25 -27.93 -16.01
C VAL B 52 -0.30 -28.07 -17.53
N THR B 53 -0.77 -27.05 -18.20
CA THR B 53 -0.70 -26.98 -19.66
C THR B 53 0.16 -25.80 -20.09
N HIS B 54 0.93 -26.01 -21.13
CA HIS B 54 1.89 -25.07 -21.65
C HIS B 54 1.38 -24.62 -23.00
N ILE B 55 1.12 -23.32 -23.16
CA ILE B 55 0.59 -22.75 -24.40
C ILE B 55 1.61 -21.82 -25.08
N LYS B 56 1.94 -22.11 -26.33
CA LYS B 56 2.98 -21.40 -27.04
C LYS B 56 2.49 -20.00 -27.47
N ILE B 57 3.37 -19.04 -27.39
CA ILE B 57 3.19 -17.70 -27.92
C ILE B 57 4.41 -17.43 -28.79
N GLN B 58 4.15 -17.15 -30.05
CA GLN B 58 5.17 -16.83 -31.05
C GLN B 58 5.23 -15.33 -31.26
N ASN B 59 6.42 -14.78 -31.45
CA ASN B 59 6.56 -13.45 -31.98
C ASN B 59 7.69 -13.42 -33.00
N THR B 60 7.34 -13.34 -34.30
CA THR B 60 8.38 -13.18 -35.38
C THR B 60 8.77 -11.75 -35.71
N GLY B 61 8.17 -10.79 -34.99
CA GLY B 61 8.48 -9.38 -35.18
C GLY B 61 7.27 -8.48 -35.35
N ASP B 62 6.07 -9.05 -35.59
CA ASP B 62 4.90 -8.21 -35.84
C ASP B 62 3.90 -8.10 -34.68
N TYR B 63 3.79 -9.15 -33.86
CA TYR B 63 2.80 -9.26 -32.78
C TYR B 63 3.05 -10.57 -32.03
N TYR B 64 2.51 -10.67 -30.85
CA TYR B 64 2.50 -11.91 -30.05
C TYR B 64 1.32 -12.73 -30.52
N ASP B 65 1.55 -13.94 -30.97
CA ASP B 65 0.50 -14.79 -31.50
C ASP B 65 0.34 -15.98 -30.50
N LEU B 66 -0.75 -15.96 -29.75
CA LEU B 66 -1.07 -17.01 -28.77
C LEU B 66 -1.68 -18.18 -29.53
N TYR B 67 -1.03 -19.34 -29.46
CA TYR B 67 -1.49 -20.51 -30.22
C TYR B 67 -2.91 -20.88 -29.74
N GLY B 68 -3.87 -20.93 -30.64
CA GLY B 68 -5.26 -21.19 -30.27
C GLY B 68 -6.02 -20.03 -29.67
N GLY B 69 -5.38 -18.85 -29.53
CA GLY B 69 -6.06 -17.63 -29.11
C GLY B 69 -5.77 -16.49 -30.07
N GLU B 70 -5.67 -15.29 -29.53
CA GLU B 70 -5.57 -14.10 -30.36
C GLU B 70 -4.15 -13.53 -30.43
N LYS B 71 -4.01 -12.44 -31.20
CA LYS B 71 -2.78 -11.70 -31.41
C LYS B 71 -2.79 -10.42 -30.55
N PHE B 72 -1.67 -10.14 -29.93
CA PHE B 72 -1.52 -9.08 -28.98
C PHE B 72 -0.25 -8.23 -29.23
N ALA B 73 -0.32 -7.00 -28.77
CA ALA B 73 0.80 -6.05 -28.88
C ALA B 73 1.85 -6.27 -27.78
N THR B 74 1.44 -6.76 -26.59
CA THR B 74 2.36 -7.00 -25.48
C THR B 74 1.84 -8.19 -24.64
N LEU B 75 2.74 -8.87 -23.94
CA LEU B 75 2.32 -9.95 -23.03
C LEU B 75 1.43 -9.40 -21.89
N ALA B 76 1.67 -8.19 -21.38
CA ALA B 76 0.79 -7.60 -20.37
C ALA B 76 -0.65 -7.38 -20.92
N GLU B 77 -0.81 -6.93 -22.21
CA GLU B 77 -2.10 -6.74 -22.81
C GLU B 77 -2.81 -8.09 -22.99
N LEU B 78 -2.08 -9.13 -23.38
CA LEU B 78 -2.56 -10.50 -23.48
C LEU B 78 -3.14 -10.96 -22.10
N VAL B 79 -2.38 -10.81 -21.03
CA VAL B 79 -2.77 -11.26 -19.69
C VAL B 79 -3.96 -10.43 -19.22
N GLN B 80 -3.97 -9.09 -19.42
CA GLN B 80 -5.09 -8.26 -19.04
C GLN B 80 -6.37 -8.70 -19.79
N TYR B 81 -6.27 -8.96 -21.10
CA TYR B 81 -7.41 -9.41 -21.90
C TYR B 81 -8.07 -10.67 -21.31
N TYR B 82 -7.28 -11.72 -21.04
CA TYR B 82 -7.87 -12.99 -20.58
C TYR B 82 -8.26 -12.95 -19.07
N MET B 83 -7.52 -12.23 -18.21
CA MET B 83 -7.94 -12.03 -16.82
C MET B 83 -9.25 -11.22 -16.67
N GLU B 84 -9.73 -10.59 -17.78
CA GLU B 84 -11.00 -9.86 -17.83
C GLU B 84 -11.98 -10.44 -18.89
N HIS B 85 -11.70 -11.64 -19.45
CA HIS B 85 -12.53 -12.32 -20.45
C HIS B 85 -12.41 -13.85 -20.22
N HIS B 86 -13.17 -14.40 -19.25
CA HIS B 86 -13.20 -15.86 -19.08
C HIS B 86 -14.07 -16.49 -20.18
N GLY B 87 -13.78 -17.73 -20.48
CA GLY B 87 -14.35 -18.46 -21.62
C GLY B 87 -13.72 -18.17 -22.96
N GLN B 88 -12.76 -17.22 -23.02
CA GLN B 88 -12.16 -16.76 -24.28
C GLN B 88 -10.92 -17.56 -24.63
N LEU B 89 -10.11 -17.95 -23.62
CA LEU B 89 -8.92 -18.74 -23.88
C LEU B 89 -9.28 -20.21 -23.89
N LYS B 90 -9.08 -20.86 -25.04
CA LYS B 90 -9.26 -22.27 -25.22
C LYS B 90 -8.00 -22.80 -25.87
N GLU B 91 -7.59 -24.02 -25.49
CA GLU B 91 -6.70 -24.79 -26.37
C GLU B 91 -7.50 -25.23 -27.61
N LYS B 92 -6.82 -25.72 -28.68
CA LYS B 92 -7.52 -26.10 -29.91
C LYS B 92 -8.29 -27.46 -29.80
N ASN B 93 -8.63 -27.89 -28.56
CA ASN B 93 -9.75 -28.83 -28.32
C ASN B 93 -11.11 -28.10 -28.03
N GLY B 94 -11.06 -26.78 -27.84
CA GLY B 94 -12.22 -25.97 -27.50
C GLY B 94 -12.47 -25.79 -26.01
N ASP B 95 -11.60 -26.38 -25.14
CA ASP B 95 -11.80 -26.37 -23.69
C ASP B 95 -11.27 -25.08 -23.07
N VAL B 96 -12.15 -24.39 -22.31
CA VAL B 96 -11.80 -23.14 -21.60
C VAL B 96 -10.64 -23.32 -20.61
N ILE B 97 -9.62 -22.49 -20.75
CA ILE B 97 -8.49 -22.38 -19.84
C ILE B 97 -8.64 -21.01 -19.16
N GLU B 98 -8.70 -20.99 -17.84
CA GLU B 98 -8.88 -19.77 -17.07
C GLU B 98 -7.57 -19.26 -16.48
N LEU B 99 -7.25 -18.00 -16.74
CA LEU B 99 -6.15 -17.29 -16.09
C LEU B 99 -6.77 -16.48 -14.97
N LYS B 100 -6.60 -16.94 -13.73
CA LYS B 100 -7.15 -16.31 -12.53
C LYS B 100 -6.07 -15.71 -11.63
N TYR B 101 -4.99 -16.46 -11.34
CA TYR B 101 -4.04 -16.10 -10.29
C TYR B 101 -2.63 -16.01 -10.79
N PRO B 102 -2.07 -14.79 -11.06
CA PRO B 102 -0.66 -14.73 -11.42
C PRO B 102 0.21 -15.40 -10.36
N LEU B 103 1.20 -16.16 -10.78
CA LEU B 103 2.16 -16.77 -9.87
C LEU B 103 3.39 -15.93 -9.95
N ASN B 104 3.64 -15.16 -8.90
CA ASN B 104 4.72 -14.15 -8.90
C ASN B 104 6.11 -14.72 -8.82
N CYS B 105 7.02 -14.07 -9.54
CA CYS B 105 8.43 -14.37 -9.63
C CYS B 105 9.20 -13.53 -8.64
N ALA B 106 10.19 -14.14 -7.93
CA ALA B 106 11.02 -13.45 -6.96
C ALA B 106 12.32 -12.92 -7.59
N ASP B 107 12.70 -13.42 -8.79
CA ASP B 107 13.96 -13.11 -9.48
C ASP B 107 14.08 -11.59 -9.68
N PRO B 108 15.13 -10.95 -9.15
CA PRO B 108 15.30 -9.50 -9.36
C PRO B 108 16.04 -9.08 -10.65
N THR B 109 16.44 -10.02 -11.52
CA THR B 109 17.40 -9.66 -12.59
C THR B 109 16.83 -8.77 -13.69
N SER B 110 15.50 -8.60 -13.85
CA SER B 110 14.95 -7.67 -14.86
C SER B 110 14.48 -6.36 -14.26
N GLU B 111 14.80 -6.09 -12.94
CA GLU B 111 14.48 -4.82 -12.35
C GLU B 111 15.52 -3.81 -12.75
N ARG B 112 15.10 -2.59 -13.11
CA ARG B 112 16.05 -1.54 -13.51
C ARG B 112 17.09 -1.19 -12.42
N TRP B 113 16.70 -1.35 -11.12
CA TRP B 113 17.56 -1.03 -9.97
C TRP B 113 18.51 -2.17 -9.55
N PHE B 114 18.37 -3.37 -10.12
CA PHE B 114 19.21 -4.48 -9.73
C PHE B 114 20.52 -4.59 -10.52
N HIS B 115 21.68 -4.60 -9.80
CA HIS B 115 23.01 -4.72 -10.42
C HIS B 115 23.76 -6.04 -10.12
N GLY B 116 23.25 -6.89 -9.27
CA GLY B 116 23.90 -8.16 -8.96
C GLY B 116 25.30 -8.00 -8.42
N HIS B 117 26.29 -8.71 -9.01
CA HIS B 117 27.68 -8.55 -8.57
C HIS B 117 28.18 -7.13 -8.87
N LEU B 118 28.51 -6.38 -7.83
CA LEU B 118 28.97 -4.99 -7.98
C LEU B 118 29.56 -4.52 -6.65
N SER B 119 30.76 -3.95 -6.70
CA SER B 119 31.48 -3.57 -5.48
C SER B 119 30.84 -2.32 -4.85
N GLY B 120 31.08 -2.13 -3.55
CA GLY B 120 30.59 -0.96 -2.84
C GLY B 120 31.22 0.34 -3.29
N LYS B 121 32.47 0.27 -3.81
CA LYS B 121 33.19 1.44 -4.29
C LYS B 121 32.74 1.74 -5.72
N GLU B 122 32.58 0.70 -6.56
CA GLU B 122 31.99 0.82 -7.88
C GLU B 122 30.57 1.44 -7.82
N ALA B 123 29.72 1.02 -6.85
CA ALA B 123 28.37 1.54 -6.70
C ALA B 123 28.38 2.98 -6.24
N GLU B 124 29.34 3.35 -5.36
CA GLU B 124 29.51 4.74 -4.94
C GLU B 124 29.97 5.61 -6.11
N LYS B 125 30.81 5.06 -6.99
CA LYS B 125 31.34 5.82 -8.12
C LYS B 125 30.17 6.10 -9.07
N LEU B 126 29.44 5.04 -9.47
CA LEU B 126 28.28 5.15 -10.36
C LEU B 126 27.26 6.13 -9.80
N LEU B 127 26.86 5.98 -8.53
CA LEU B 127 25.94 6.91 -7.90
C LEU B 127 26.47 8.33 -7.79
N THR B 128 27.79 8.52 -7.68
CA THR B 128 28.37 9.87 -7.60
C THR B 128 28.36 10.55 -8.97
N GLU B 129 28.82 9.85 -10.00
CA GLU B 129 28.92 10.41 -11.37
C GLU B 129 27.52 10.56 -12.01
N LYS B 130 26.76 9.46 -12.09
CA LYS B 130 25.50 9.40 -12.85
C LYS B 130 24.29 9.74 -11.98
N GLY B 131 24.34 9.39 -10.69
CA GLY B 131 23.19 9.53 -9.81
C GLY B 131 22.82 10.94 -9.42
N LYS B 132 21.64 11.06 -8.84
CA LYS B 132 21.00 12.29 -8.41
C LYS B 132 20.24 12.00 -7.08
N HIS B 133 19.59 13.00 -6.43
CA HIS B 133 18.81 12.74 -5.22
C HIS B 133 17.73 11.66 -5.49
N GLY B 134 17.77 10.60 -4.69
CA GLY B 134 16.85 9.50 -4.76
C GLY B 134 17.26 8.39 -5.70
N SER B 135 18.41 8.51 -6.36
CA SER B 135 18.91 7.42 -7.21
C SER B 135 19.38 6.26 -6.38
N PHE B 136 18.97 5.05 -6.76
CA PHE B 136 19.28 3.88 -5.97
C PHE B 136 19.58 2.66 -6.82
N LEU B 137 20.19 1.71 -6.17
CA LEU B 137 20.46 0.39 -6.73
C LEU B 137 20.48 -0.64 -5.60
N VAL B 138 20.25 -1.88 -5.96
CA VAL B 138 20.49 -3.03 -5.09
C VAL B 138 21.59 -3.85 -5.76
N ARG B 139 22.55 -4.36 -4.95
CA ARG B 139 23.67 -5.21 -5.36
C ARG B 139 23.84 -6.40 -4.39
N GLU B 140 24.27 -7.57 -4.91
CA GLU B 140 24.74 -8.70 -4.10
C GLU B 140 25.87 -8.26 -3.18
N SER B 141 25.80 -8.68 -1.90
CA SER B 141 26.83 -8.36 -0.92
C SER B 141 28.03 -9.31 -1.09
N GLN B 142 29.21 -8.71 -1.10
CA GLN B 142 30.53 -9.34 -1.20
C GLN B 142 31.08 -9.73 0.19
N SER B 143 30.89 -8.88 1.21
CA SER B 143 31.33 -9.22 2.57
C SER B 143 30.46 -10.35 3.17
N HIS B 144 29.12 -10.20 3.12
CA HIS B 144 28.18 -11.18 3.64
C HIS B 144 27.55 -11.95 2.47
N PRO B 145 28.09 -13.12 2.07
CA PRO B 145 27.52 -13.82 0.90
C PRO B 145 26.06 -14.20 1.05
N GLY B 146 25.30 -14.05 -0.05
CA GLY B 146 23.87 -14.32 -0.10
C GLY B 146 22.98 -13.14 0.28
N ASP B 147 23.52 -12.18 1.06
CA ASP B 147 22.89 -10.91 1.41
C ASP B 147 22.99 -9.89 0.24
N PHE B 148 22.33 -8.74 0.39
CA PHE B 148 22.30 -7.69 -0.60
C PHE B 148 22.55 -6.37 0.10
N VAL B 149 22.82 -5.32 -0.69
CA VAL B 149 22.94 -3.96 -0.22
C VAL B 149 22.09 -3.06 -1.11
N LEU B 150 21.37 -2.15 -0.49
CA LEU B 150 20.66 -1.09 -1.20
C LEU B 150 21.52 0.14 -0.98
N SER B 151 21.97 0.78 -2.08
CA SER B 151 22.73 2.02 -2.05
C SER B 151 21.91 3.15 -2.61
N VAL B 152 21.79 4.24 -1.87
CA VAL B 152 20.90 5.34 -2.19
C VAL B 152 21.66 6.64 -2.08
N ARG B 153 21.51 7.54 -3.05
CA ARG B 153 22.05 8.87 -3.00
C ARG B 153 20.95 9.83 -2.54
N THR B 154 21.23 10.70 -1.58
CA THR B 154 20.33 11.77 -1.16
C THR B 154 21.13 13.08 -1.14
N GLY B 155 20.46 14.21 -1.37
CA GLY B 155 21.15 15.49 -1.41
C GLY B 155 20.50 16.58 -2.23
N ASP B 156 21.33 17.56 -2.63
CA ASP B 156 20.94 18.77 -3.35
C ASP B 156 21.64 18.78 -4.71
N SER B 161 28.61 21.29 -7.50
CA SER B 161 29.94 20.92 -7.04
C SER B 161 29.88 19.86 -5.93
N ASN B 162 30.95 19.04 -5.81
CA ASN B 162 31.05 18.04 -4.74
C ASN B 162 31.43 18.73 -3.43
N ASP B 163 30.41 19.32 -2.77
CA ASP B 163 30.57 20.16 -1.58
C ASP B 163 29.92 19.56 -0.31
N GLY B 164 29.73 18.24 -0.28
CA GLY B 164 29.14 17.56 0.87
C GLY B 164 27.67 17.77 1.08
N LYS B 165 27.00 18.51 0.18
CA LYS B 165 25.56 18.69 0.28
C LYS B 165 24.77 17.42 -0.15
N SER B 166 25.45 16.39 -0.71
CA SER B 166 24.86 15.10 -1.02
C SER B 166 25.74 13.94 -0.49
N LYS B 167 25.15 12.75 -0.32
CA LYS B 167 25.84 11.57 0.20
C LYS B 167 25.28 10.24 -0.37
N VAL B 168 26.05 9.16 -0.26
CA VAL B 168 25.60 7.79 -0.57
C VAL B 168 25.49 6.99 0.76
N THR B 169 24.32 6.37 1.00
CA THR B 169 24.06 5.52 2.16
C THR B 169 23.89 4.09 1.67
N HIS B 170 24.45 3.14 2.42
CA HIS B 170 24.28 1.73 2.17
C HIS B 170 23.41 1.14 3.27
N VAL B 171 22.45 0.32 2.86
CA VAL B 171 21.53 -0.35 3.76
C VAL B 171 21.70 -1.82 3.50
N MET B 172 22.13 -2.55 4.52
CA MET B 172 22.29 -3.98 4.40
C MET B 172 20.92 -4.61 4.37
N ILE B 173 20.76 -5.62 3.51
CA ILE B 173 19.53 -6.37 3.30
C ILE B 173 19.90 -7.81 3.54
N ARG B 174 19.36 -8.39 4.62
CA ARG B 174 19.62 -9.78 4.92
C ARG B 174 18.69 -10.67 4.18
N CYS B 175 19.21 -11.77 3.69
CA CYS B 175 18.40 -12.82 3.13
C CYS B 175 18.46 -13.93 4.17
N GLN B 176 17.31 -14.28 4.77
CA GLN B 176 17.26 -15.30 5.83
C GLN B 176 16.08 -16.19 5.48
N GLU B 177 16.35 -17.47 5.13
CA GLU B 177 15.32 -18.46 4.82
C GLU B 177 14.45 -17.98 3.66
N LEU B 178 15.09 -17.49 2.58
CA LEU B 178 14.45 -16.99 1.37
C LEU B 178 13.46 -15.83 1.58
N LYS B 179 13.62 -15.07 2.68
CA LYS B 179 12.94 -13.81 2.85
C LYS B 179 13.97 -12.71 3.07
N TYR B 180 13.64 -11.48 2.74
CA TYR B 180 14.56 -10.35 2.76
C TYR B 180 14.14 -9.30 3.78
N ASP B 181 15.10 -8.68 4.50
CA ASP B 181 14.75 -7.61 5.46
C ASP B 181 15.92 -6.61 5.65
N VAL B 182 15.62 -5.42 6.16
CA VAL B 182 16.64 -4.41 6.45
C VAL B 182 17.05 -4.37 7.94
N GLY B 183 17.00 -5.51 8.64
CA GLY B 183 17.46 -5.62 10.03
C GLY B 183 16.36 -5.59 11.09
N GLY B 184 15.12 -5.49 10.67
CA GLY B 184 13.98 -5.37 11.57
C GLY B 184 12.70 -5.11 10.80
N GLY B 185 11.56 -5.34 11.44
CA GLY B 185 10.25 -5.16 10.85
C GLY B 185 9.84 -6.31 9.94
N GLU B 186 9.30 -5.99 8.78
CA GLU B 186 8.72 -6.96 7.86
C GLU B 186 9.79 -7.80 7.14
N ARG B 187 9.47 -9.05 6.86
CA ARG B 187 10.31 -9.92 6.05
C ARG B 187 9.58 -10.17 4.72
N PHE B 188 10.26 -9.92 3.61
CA PHE B 188 9.63 -9.90 2.28
C PHE B 188 9.92 -11.13 1.45
N ASP B 189 8.94 -11.55 0.61
CA ASP B 189 9.10 -12.71 -0.26
C ASP B 189 10.16 -12.50 -1.37
N SER B 190 10.42 -11.24 -1.74
CA SER B 190 11.39 -10.94 -2.79
C SER B 190 12.01 -9.56 -2.56
N LEU B 191 13.17 -9.30 -3.20
CA LEU B 191 13.74 -7.96 -3.20
C LEU B 191 12.83 -6.93 -3.80
N THR B 192 12.08 -7.30 -4.87
CA THR B 192 11.08 -6.38 -5.43
C THR B 192 10.04 -5.94 -4.42
N ASP B 193 9.50 -6.88 -3.64
CA ASP B 193 8.52 -6.54 -2.60
C ASP B 193 9.11 -5.59 -1.56
N LEU B 194 10.36 -5.86 -1.14
CA LEU B 194 11.10 -5.00 -0.22
C LEU B 194 11.25 -3.59 -0.79
N VAL B 195 11.76 -3.47 -2.05
CA VAL B 195 12.01 -2.19 -2.68
C VAL B 195 10.70 -1.42 -2.82
N GLU B 196 9.62 -2.11 -3.21
CA GLU B 196 8.32 -1.45 -3.42
C GLU B 196 7.81 -0.91 -2.10
N HIS B 197 7.93 -1.70 -1.01
CA HIS B 197 7.56 -1.22 0.32
C HIS B 197 8.35 0.05 0.70
N TYR B 198 9.71 0.01 0.65
CA TYR B 198 10.51 1.16 1.07
C TYR B 198 10.53 2.29 0.02
N LYS B 199 9.94 2.11 -1.20
CA LYS B 199 9.59 3.22 -2.13
C LYS B 199 8.36 4.01 -1.63
N LYS B 200 7.34 3.30 -1.08
CA LYS B 200 6.12 3.91 -0.54
C LYS B 200 6.33 4.41 0.89
N ASN B 201 7.14 3.68 1.66
CA ASN B 201 7.33 3.97 3.09
C ASN B 201 8.84 4.11 3.32
N PRO B 202 9.42 5.24 2.89
CA PRO B 202 10.88 5.35 2.93
C PRO B 202 11.45 5.26 4.34
N MET B 203 12.64 4.66 4.42
CA MET B 203 13.40 4.61 5.66
C MET B 203 13.82 6.03 6.06
N VAL B 204 13.74 6.33 7.36
CA VAL B 204 14.17 7.63 7.91
C VAL B 204 15.35 7.35 8.83
N GLU B 205 16.44 8.11 8.66
CA GLU B 205 17.62 7.95 9.50
C GLU B 205 17.35 8.54 10.89
N THR B 206 18.22 8.20 11.89
CA THR B 206 18.11 8.72 13.26
C THR B 206 18.03 10.26 13.25
N LEU B 207 18.99 10.92 12.59
CA LEU B 207 19.02 12.38 12.51
C LEU B 207 18.09 13.00 11.44
N GLY B 208 17.25 12.18 10.80
CA GLY B 208 16.11 12.66 10.04
C GLY B 208 16.16 12.58 8.53
N THR B 209 17.28 12.14 7.91
CA THR B 209 17.37 12.06 6.46
C THR B 209 16.39 10.98 5.95
N VAL B 210 15.56 11.32 4.97
CA VAL B 210 14.64 10.37 4.37
C VAL B 210 15.36 9.72 3.17
N LEU B 211 15.47 8.41 3.16
CA LEU B 211 16.17 7.69 2.09
C LEU B 211 15.13 7.39 0.97
N GLN B 212 14.84 8.44 0.17
CA GLN B 212 13.83 8.42 -0.89
C GLN B 212 14.35 7.54 -2.02
N LEU B 213 13.62 6.51 -2.39
CA LEU B 213 13.95 5.71 -3.57
C LEU B 213 13.15 6.26 -4.78
N LYS B 214 13.69 7.28 -5.41
CA LYS B 214 12.96 8.07 -6.39
C LYS B 214 13.10 7.44 -7.77
N GLN B 215 14.32 6.99 -8.14
CA GLN B 215 14.55 6.39 -9.44
C GLN B 215 15.72 5.43 -9.44
N PRO B 216 15.70 4.35 -10.25
CA PRO B 216 16.90 3.52 -10.38
C PRO B 216 18.07 4.31 -10.95
N LEU B 217 19.30 3.92 -10.59
CA LEU B 217 20.51 4.46 -11.20
C LEU B 217 20.47 4.24 -12.75
N ASN B 218 20.72 5.29 -13.51
CA ASN B 218 20.64 5.21 -14.97
C ASN B 218 21.95 4.63 -15.56
N THR B 219 21.91 3.34 -15.96
CA THR B 219 23.05 2.67 -16.59
C THR B 219 22.94 2.54 -18.12
N THR B 220 21.79 2.92 -18.73
CA THR B 220 21.63 2.69 -20.19
C THR B 220 21.95 3.95 -21.00
N ARG B 221 21.90 5.15 -20.40
CA ARG B 221 22.32 6.36 -21.08
C ARG B 221 23.82 6.28 -21.36
N ILE B 222 24.19 6.36 -22.64
CA ILE B 222 25.55 6.26 -23.14
C ILE B 222 25.85 7.48 -23.96
N ASN B 223 27.13 7.81 -24.05
CA ASN B 223 27.57 8.79 -25.00
C ASN B 223 27.61 8.11 -26.35
N ALA B 224 27.12 8.76 -27.40
CA ALA B 224 27.01 8.13 -28.71
C ALA B 224 28.36 7.72 -29.27
N ALA B 225 29.42 8.48 -28.98
CA ALA B 225 30.79 8.15 -29.40
C ALA B 225 31.21 6.78 -28.92
N GLU B 226 30.82 6.43 -27.68
CA GLU B 226 31.13 5.18 -27.01
C GLU B 226 30.18 3.95 -27.37
N ILE B 227 29.24 4.09 -28.38
CA ILE B 227 28.29 3.03 -28.77
C ILE B 227 28.97 1.68 -29.02
N GLU B 228 30.09 1.68 -29.77
CA GLU B 228 30.84 0.46 -30.10
C GLU B 228 31.22 -0.37 -28.89
N SER B 229 31.58 0.29 -27.77
CA SER B 229 31.98 -0.41 -26.53
C SER B 229 30.79 -0.95 -25.80
N ARG B 230 29.67 -0.21 -25.80
CA ARG B 230 28.43 -0.73 -25.23
C ARG B 230 27.95 -1.96 -26.02
N VAL B 231 28.01 -1.90 -27.34
CA VAL B 231 27.61 -3.01 -28.20
C VAL B 231 28.50 -4.22 -27.94
N ARG B 232 29.82 -4.02 -27.87
CA ARG B 232 30.76 -5.08 -27.43
C ARG B 232 30.33 -5.74 -26.12
N GLU B 233 30.05 -4.95 -25.08
CA GLU B 233 29.58 -5.47 -23.78
C GLU B 233 28.30 -6.29 -23.96
N LEU B 234 27.29 -5.72 -24.65
CA LEU B 234 26.00 -6.36 -24.81
C LEU B 234 26.09 -7.63 -25.67
N SER B 235 27.08 -7.72 -26.56
CA SER B 235 27.25 -8.87 -27.44
C SER B 235 27.89 -10.08 -26.75
N LYS B 236 28.50 -9.92 -25.56
CA LYS B 236 29.35 -10.95 -24.96
C LYS B 236 29.80 -10.52 -23.56
N GLY B 247 24.08 -8.51 -21.44
CA GLY B 247 23.64 -8.99 -22.75
C GLY B 247 22.43 -8.21 -23.32
N PHE B 248 22.26 -8.19 -24.66
CA PHE B 248 21.08 -7.59 -25.30
C PHE B 248 19.77 -8.20 -24.77
N TRP B 249 19.75 -9.54 -24.58
CA TRP B 249 18.58 -10.22 -24.07
C TRP B 249 18.17 -9.69 -22.68
N GLU B 250 19.12 -9.55 -21.75
CA GLU B 250 18.84 -9.12 -20.39
C GLU B 250 18.36 -7.65 -20.35
N GLU B 251 19.00 -6.77 -21.14
CA GLU B 251 18.57 -5.38 -21.21
C GLU B 251 17.15 -5.28 -21.86
N PHE B 252 16.88 -6.09 -22.91
CA PHE B 252 15.56 -6.13 -23.52
C PHE B 252 14.50 -6.61 -22.52
N GLU B 253 14.78 -7.70 -21.80
CA GLU B 253 13.82 -8.16 -20.78
C GLU B 253 13.59 -7.14 -19.64
N THR B 254 14.59 -6.33 -19.27
CA THR B 254 14.40 -5.26 -18.28
C THR B 254 13.41 -4.23 -18.81
N LEU B 255 13.52 -3.90 -20.11
CA LEU B 255 12.58 -2.99 -20.75
C LEU B 255 11.21 -3.62 -20.77
N GLN B 256 11.12 -4.89 -21.16
CA GLN B 256 9.83 -5.57 -21.25
C GLN B 256 9.08 -5.58 -19.90
N GLN B 257 9.79 -5.63 -18.75
CA GLN B 257 9.14 -5.57 -17.42
C GLN B 257 8.52 -4.23 -17.12
N GLN B 258 8.88 -3.16 -17.84
CA GLN B 258 8.24 -1.85 -17.64
C GLN B 258 6.91 -1.68 -18.37
N GLU B 259 6.46 -2.70 -19.15
CA GLU B 259 5.30 -2.56 -20.04
C GLU B 259 3.98 -2.57 -19.27
N CYS B 260 3.94 -3.15 -18.05
CA CYS B 260 2.76 -3.08 -17.17
CA CYS B 260 2.72 -3.08 -17.22
C CYS B 260 2.41 -1.64 -16.77
N LYS B 261 3.34 -0.70 -16.87
CA LYS B 261 3.06 0.73 -16.64
C LYS B 261 2.32 1.39 -17.83
N LEU B 262 2.09 0.68 -18.94
CA LEU B 262 1.60 1.28 -20.19
C LEU B 262 0.26 0.68 -20.61
N LEU B 263 -0.55 0.20 -19.62
CA LEU B 263 -1.85 -0.33 -19.94
C LEU B 263 -2.88 0.75 -20.01
N TYR B 264 -2.66 1.70 -20.92
CA TYR B 264 -3.60 2.80 -21.13
C TYR B 264 -4.86 2.35 -21.86
N SER B 265 -5.94 3.14 -21.70
CA SER B 265 -7.20 2.73 -22.29
C SER B 265 -7.16 2.84 -23.81
N ARG B 266 -7.86 1.91 -24.42
CA ARG B 266 -8.07 1.76 -25.86
C ARG B 266 -9.59 1.57 -26.11
N LYS B 267 -10.44 2.36 -25.43
CA LYS B 267 -11.89 2.20 -25.53
C LYS B 267 -12.45 2.46 -26.94
N GLU B 268 -11.97 3.50 -27.63
CA GLU B 268 -12.52 3.82 -28.95
C GLU B 268 -12.35 2.66 -29.93
N GLY B 269 -11.15 2.05 -29.96
CA GLY B 269 -10.92 0.92 -30.85
C GLY B 269 -11.73 -0.31 -30.55
N GLN B 270 -12.23 -0.40 -29.28
CA GLN B 270 -13.07 -1.50 -28.78
C GLN B 270 -14.55 -1.36 -29.17
N ARG B 271 -14.99 -0.21 -29.71
CA ARG B 271 -16.39 0.00 -30.05
C ARG B 271 -16.82 -0.86 -31.21
N GLN B 272 -18.08 -1.36 -31.19
CA GLN B 272 -18.65 -2.21 -32.22
C GLN B 272 -18.53 -1.59 -33.59
N GLU B 273 -18.72 -0.29 -33.67
CA GLU B 273 -18.70 0.46 -34.90
C GLU B 273 -17.24 0.46 -35.52
N ASN B 274 -16.23 0.21 -34.70
CA ASN B 274 -14.81 0.30 -35.06
C ASN B 274 -14.12 -1.04 -35.20
N LYS B 275 -14.77 -2.13 -34.78
CA LYS B 275 -14.14 -3.44 -34.78
C LYS B 275 -13.52 -3.82 -36.15
N ASN B 276 -14.27 -3.64 -37.23
CA ASN B 276 -13.79 -4.08 -38.55
C ASN B 276 -12.77 -3.10 -39.22
N LYS B 277 -12.41 -2.01 -38.52
CA LYS B 277 -11.38 -1.09 -38.94
C LYS B 277 -9.99 -1.47 -38.35
N ASN B 278 -9.91 -2.55 -37.53
CA ASN B 278 -8.67 -3.01 -36.94
C ASN B 278 -8.22 -4.29 -37.68
N ARG B 279 -6.95 -4.37 -38.06
CA ARG B 279 -6.40 -5.57 -38.69
C ARG B 279 -6.46 -6.74 -37.73
N TYR B 280 -6.14 -6.50 -36.48
CA TYR B 280 -6.17 -7.48 -35.40
C TYR B 280 -7.02 -6.88 -34.29
N LYS B 281 -8.03 -7.62 -33.83
CA LYS B 281 -9.05 -7.07 -32.94
C LYS B 281 -8.51 -6.54 -31.63
N ASN B 282 -7.43 -7.11 -31.10
CA ASN B 282 -6.85 -6.67 -29.84
C ASN B 282 -5.65 -5.80 -29.98
N ILE B 283 -5.23 -5.41 -31.21
CA ILE B 283 -4.10 -4.48 -31.35
C ILE B 283 -4.69 -3.14 -31.68
N LEU B 284 -4.73 -2.25 -30.70
CA LEU B 284 -5.56 -1.05 -30.76
C LEU B 284 -4.76 0.19 -30.37
N PRO B 285 -5.18 1.36 -30.87
CA PRO B 285 -4.50 2.59 -30.53
C PRO B 285 -4.96 3.10 -29.16
N PHE B 286 -4.02 3.64 -28.39
CA PHE B 286 -4.37 4.32 -27.15
C PHE B 286 -5.27 5.49 -27.43
N ASP B 287 -6.31 5.64 -26.58
CA ASP B 287 -7.24 6.76 -26.74
C ASP B 287 -6.54 8.11 -26.67
N HIS B 288 -5.58 8.28 -25.78
CA HIS B 288 -4.98 9.61 -25.49
C HIS B 288 -4.06 10.08 -26.60
N THR B 289 -3.58 9.16 -27.49
CA THR B 289 -2.75 9.59 -28.65
C THR B 289 -3.27 9.19 -30.04
N ARG B 290 -4.47 8.62 -30.14
CA ARG B 290 -5.05 8.17 -31.41
C ARG B 290 -5.24 9.34 -32.29
N VAL B 291 -5.10 9.09 -33.57
CA VAL B 291 -5.44 10.09 -34.55
C VAL B 291 -7.01 10.21 -34.65
N VAL B 292 -7.55 11.36 -34.33
CA VAL B 292 -9.01 11.61 -34.47
C VAL B 292 -9.32 12.21 -35.82
N LEU B 293 -10.15 11.57 -36.62
CA LEU B 293 -10.52 12.08 -37.91
C LEU B 293 -11.75 12.99 -37.81
N HIS B 294 -11.62 14.21 -38.31
CA HIS B 294 -12.67 15.23 -38.29
C HIS B 294 -13.38 15.28 -39.68
N ASP B 295 -14.41 16.10 -39.82
CA ASP B 295 -15.10 16.31 -41.11
C ASP B 295 -15.58 15.02 -41.81
N GLY B 296 -16.06 14.08 -41.02
CA GLY B 296 -16.51 12.79 -41.54
C GLY B 296 -17.87 12.90 -42.17
N ASP B 297 -18.24 11.83 -42.89
CA ASP B 297 -19.57 11.64 -43.48
C ASP B 297 -20.63 11.74 -42.36
N PRO B 298 -21.52 12.74 -42.37
CA PRO B 298 -22.56 12.81 -41.32
C PRO B 298 -23.41 11.54 -41.22
N ASN B 299 -23.83 10.97 -42.37
CA ASN B 299 -24.66 9.76 -42.42
C ASN B 299 -23.96 8.46 -41.97
N GLU B 300 -22.68 8.53 -41.53
CA GLU B 300 -21.94 7.35 -41.08
C GLU B 300 -21.71 7.52 -39.57
N PRO B 301 -22.16 6.55 -38.73
CA PRO B 301 -22.34 6.85 -37.29
C PRO B 301 -21.04 7.18 -36.54
N VAL B 302 -19.99 6.35 -36.75
CA VAL B 302 -18.65 6.66 -36.28
C VAL B 302 -17.79 6.88 -37.50
N SER B 303 -17.32 8.11 -37.69
CA SER B 303 -16.47 8.48 -38.80
C SER B 303 -15.11 9.05 -38.31
N ASP B 304 -14.80 9.02 -36.99
CA ASP B 304 -13.63 9.64 -36.42
C ASP B 304 -12.46 8.66 -36.11
N TYR B 305 -12.53 7.40 -36.55
CA TYR B 305 -11.65 6.37 -36.03
C TYR B 305 -10.76 5.83 -37.11
N ILE B 306 -9.45 5.72 -36.78
CA ILE B 306 -8.50 4.96 -37.53
C ILE B 306 -7.50 4.35 -36.52
N ASN B 307 -7.01 3.16 -36.85
CA ASN B 307 -6.05 2.48 -36.02
C ASN B 307 -4.64 3.11 -36.27
N ALA B 308 -4.39 4.21 -35.58
CA ALA B 308 -3.18 5.05 -35.80
C ALA B 308 -2.99 5.91 -34.54
N ASN B 309 -1.71 6.14 -34.14
CA ASN B 309 -1.34 7.08 -33.07
C ASN B 309 -0.28 8.08 -33.50
N ILE B 310 -0.40 9.28 -32.96
CA ILE B 310 0.66 10.28 -32.97
C ILE B 310 1.80 9.88 -32.06
N ILE B 311 3.04 9.88 -32.59
CA ILE B 311 4.28 9.62 -31.86
C ILE B 311 5.06 10.94 -31.89
N MET B 312 5.15 11.57 -30.72
CA MET B 312 5.79 12.88 -30.54
C MET B 312 7.02 12.54 -29.69
N PRO B 313 8.26 12.62 -30.22
CA PRO B 313 9.42 12.35 -29.35
C PRO B 313 9.45 13.35 -28.14
N GLU B 314 9.70 12.91 -26.88
CA GLU B 314 9.95 13.85 -25.77
C GLU B 314 11.12 13.35 -24.92
N LYS B 325 11.31 18.31 -33.08
CA LYS B 325 10.34 18.93 -33.97
C LYS B 325 9.66 17.91 -34.88
N LYS B 326 10.35 16.84 -35.34
CA LYS B 326 9.73 15.86 -36.29
C LYS B 326 8.82 14.94 -35.49
N SER B 327 7.57 14.78 -35.89
CA SER B 327 6.69 13.81 -35.26
C SER B 327 6.29 12.75 -36.30
N TYR B 328 5.70 11.67 -35.81
CA TYR B 328 5.27 10.57 -36.65
C TYR B 328 3.82 10.21 -36.38
N ILE B 329 3.20 9.52 -37.35
CA ILE B 329 2.02 8.73 -37.12
C ILE B 329 2.34 7.28 -37.37
N ALA B 330 2.17 6.42 -36.36
CA ALA B 330 2.36 4.99 -36.48
C ALA B 330 0.99 4.36 -36.71
N THR B 331 0.88 3.60 -37.80
CA THR B 331 -0.40 3.02 -38.17
C THR B 331 -0.22 1.63 -38.76
N GLN B 332 -1.35 0.93 -38.84
CA GLN B 332 -1.41 -0.40 -39.44
C GLN B 332 -1.44 -0.30 -40.96
N GLY B 333 -1.19 -1.42 -41.63
CA GLY B 333 -1.44 -1.52 -43.07
C GLY B 333 -2.94 -1.39 -43.32
N CYS B 334 -3.35 -0.68 -44.37
CA CYS B 334 -4.76 -0.50 -44.74
C CYS B 334 -5.46 -1.79 -44.91
N LEU B 335 -6.72 -1.79 -44.50
CA LEU B 335 -7.71 -2.79 -44.94
C LEU B 335 -8.47 -2.19 -46.13
N GLN B 336 -9.10 -3.03 -46.97
CA GLN B 336 -9.92 -2.52 -48.09
C GLN B 336 -10.93 -1.44 -47.61
N ASN B 337 -11.54 -1.64 -46.43
CA ASN B 337 -12.51 -0.72 -45.86
C ASN B 337 -11.92 0.45 -45.03
N THR B 338 -10.57 0.59 -44.96
CA THR B 338 -9.96 1.75 -44.26
C THR B 338 -9.11 2.61 -45.19
N VAL B 339 -9.02 2.29 -46.50
CA VAL B 339 -8.22 3.08 -47.44
C VAL B 339 -8.69 4.54 -47.48
N ASN B 340 -10.00 4.76 -47.53
CA ASN B 340 -10.52 6.14 -47.53
C ASN B 340 -10.15 6.90 -46.25
N ASP B 341 -10.25 6.23 -45.09
CA ASP B 341 -9.87 6.83 -43.81
C ASP B 341 -8.36 7.15 -43.75
N PHE B 342 -7.49 6.25 -44.29
CA PHE B 342 -6.06 6.50 -44.41
C PHE B 342 -5.79 7.85 -45.14
N TRP B 343 -6.44 8.06 -46.30
CA TRP B 343 -6.20 9.29 -47.06
C TRP B 343 -6.77 10.53 -46.37
N ARG B 344 -7.92 10.36 -45.68
CA ARG B 344 -8.42 11.42 -44.83
C ARG B 344 -7.43 11.84 -43.74
N MET B 345 -6.77 10.87 -43.08
CA MET B 345 -5.75 11.13 -42.07
C MET B 345 -4.58 11.90 -42.68
N VAL B 346 -4.05 11.39 -43.82
CA VAL B 346 -2.92 12.03 -44.50
C VAL B 346 -3.22 13.50 -44.79
N PHE B 347 -4.38 13.73 -45.38
CA PHE B 347 -4.82 15.07 -45.74
C PHE B 347 -4.94 15.96 -44.50
N GLN B 348 -5.69 15.51 -43.51
CA GLN B 348 -5.96 16.28 -42.29
C GLN B 348 -4.71 16.66 -41.53
N GLU B 349 -3.78 15.72 -41.41
CA GLU B 349 -2.59 15.94 -40.66
C GLU B 349 -1.47 16.66 -41.45
N ASN B 350 -1.73 16.97 -42.72
CA ASN B 350 -0.78 17.62 -43.60
C ASN B 350 0.51 16.81 -43.76
N SER B 351 0.42 15.49 -43.62
CA SER B 351 1.58 14.62 -43.85
C SER B 351 1.97 14.69 -45.37
N ARG B 352 3.27 14.77 -45.61
CA ARG B 352 3.88 14.78 -46.90
C ARG B 352 4.79 13.65 -47.21
N VAL B 353 5.05 12.74 -46.23
CA VAL B 353 5.94 11.62 -46.43
C VAL B 353 5.28 10.41 -45.73
N ILE B 354 5.23 9.29 -46.45
CA ILE B 354 4.76 7.99 -45.94
C ILE B 354 5.90 7.03 -46.07
N VAL B 355 6.13 6.22 -45.03
CA VAL B 355 7.11 5.16 -44.99
C VAL B 355 6.32 3.84 -44.83
N MET B 356 6.44 2.95 -45.83
CA MET B 356 5.80 1.63 -45.80
C MET B 356 6.88 0.64 -45.61
N THR B 357 6.75 -0.24 -44.64
CA THR B 357 7.90 -1.12 -44.28
C THR B 357 7.70 -2.61 -44.56
N THR B 358 6.65 -2.95 -45.28
CA THR B 358 6.39 -4.32 -45.72
C THR B 358 6.13 -4.31 -47.20
N LYS B 359 6.34 -5.46 -47.83
CA LYS B 359 5.69 -5.70 -49.13
C LYS B 359 4.16 -5.82 -48.90
N GLU B 360 3.38 -5.66 -49.95
CA GLU B 360 1.91 -5.86 -49.84
C GLU B 360 1.59 -7.28 -49.36
N VAL B 361 2.40 -8.26 -49.78
CA VAL B 361 2.19 -9.68 -49.47
C VAL B 361 3.53 -10.26 -49.04
N GLU B 362 3.53 -10.99 -47.94
CA GLU B 362 4.71 -11.71 -47.46
C GLU B 362 4.25 -13.06 -46.98
N ARG B 363 5.01 -14.11 -47.37
CA ARG B 363 4.67 -15.50 -47.00
C ARG B 363 3.23 -15.86 -47.44
N GLY B 364 2.83 -15.40 -48.62
CA GLY B 364 1.49 -15.57 -49.16
C GLY B 364 0.35 -14.92 -48.40
N LYS B 365 0.64 -14.03 -47.43
CA LYS B 365 -0.38 -13.36 -46.62
C LYS B 365 -0.40 -11.85 -46.91
N SER B 366 -1.58 -11.23 -46.93
CA SER B 366 -1.70 -9.79 -47.20
C SER B 366 -1.29 -9.06 -45.90
N LYS B 367 -0.35 -8.15 -46.01
CA LYS B 367 0.10 -7.29 -44.91
C LYS B 367 -0.39 -5.84 -45.02
N CYS B 368 -0.67 -5.38 -46.23
CA CYS B 368 -1.22 -4.03 -46.48
C CYS B 368 -1.83 -4.00 -47.84
N VAL B 369 -3.06 -3.52 -47.97
CA VAL B 369 -3.67 -3.45 -49.29
C VAL B 369 -2.97 -2.31 -50.08
N LYS B 370 -3.01 -2.39 -51.39
CA LYS B 370 -2.51 -1.32 -52.24
C LYS B 370 -3.46 -0.15 -52.10
N TYR B 371 -3.01 0.95 -51.52
CA TYR B 371 -3.88 2.12 -51.31
C TYR B 371 -3.52 3.29 -52.24
N TRP B 372 -2.63 3.05 -53.24
CA TRP B 372 -2.15 4.09 -54.13
C TRP B 372 -2.48 3.65 -55.57
N PRO B 373 -2.61 4.57 -56.48
CA PRO B 373 -2.85 4.19 -57.87
C PRO B 373 -1.59 3.64 -58.57
N ASP B 374 -1.77 2.86 -59.62
CA ASP B 374 -0.68 2.56 -60.57
C ASP B 374 0.03 3.81 -61.10
N GLU B 375 1.32 3.67 -61.49
CA GLU B 375 2.08 4.82 -62.04
C GLU B 375 1.33 5.49 -63.21
N TYR B 376 1.26 6.84 -63.21
CA TYR B 376 0.54 7.68 -64.13
C TYR B 376 -1.02 7.67 -63.95
N ALA B 377 -1.57 6.84 -63.10
CA ALA B 377 -3.02 6.74 -62.91
C ALA B 377 -3.49 7.72 -61.79
N LEU B 378 -4.78 8.03 -61.86
CA LEU B 378 -5.49 8.87 -60.90
C LEU B 378 -6.63 8.02 -60.36
N LYS B 379 -6.82 8.02 -59.04
CA LYS B 379 -7.89 7.32 -58.35
C LYS B 379 -8.59 8.24 -57.34
N GLU B 380 -9.91 8.07 -57.19
CA GLU B 380 -10.65 8.66 -56.09
C GLU B 380 -10.82 7.65 -54.97
N TYR B 381 -10.51 8.08 -53.75
CA TYR B 381 -10.69 7.32 -52.53
C TYR B 381 -11.63 8.14 -51.68
N GLY B 382 -12.92 7.86 -51.82
CA GLY B 382 -13.97 8.68 -51.22
C GLY B 382 -13.87 10.14 -51.66
N VAL B 383 -13.75 11.08 -50.69
CA VAL B 383 -13.62 12.52 -50.97
C VAL B 383 -12.20 12.95 -51.44
N MET B 384 -11.22 12.05 -51.40
CA MET B 384 -9.83 12.35 -51.75
C MET B 384 -9.48 11.80 -53.12
N ARG B 385 -8.60 12.47 -53.82
CA ARG B 385 -8.15 12.12 -55.15
C ARG B 385 -6.61 11.99 -55.06
N VAL B 386 -6.10 10.92 -55.61
CA VAL B 386 -4.66 10.67 -55.64
C VAL B 386 -4.20 10.39 -57.04
N ARG B 387 -3.21 11.14 -57.52
CA ARG B 387 -2.45 10.86 -58.74
C ARG B 387 -1.08 10.29 -58.40
N ASN B 388 -0.70 9.15 -59.00
CA ASN B 388 0.67 8.65 -58.95
C ASN B 388 1.46 9.33 -60.12
N VAL B 389 2.19 10.39 -59.80
CA VAL B 389 2.93 11.19 -60.79
C VAL B 389 4.10 10.40 -61.40
N LYS B 390 4.85 9.70 -60.58
CA LYS B 390 6.08 9.02 -61.03
C LYS B 390 6.59 8.08 -59.93
N GLU B 391 7.09 6.90 -60.32
CA GLU B 391 7.77 5.99 -59.43
C GLU B 391 9.24 5.87 -59.80
N SER B 392 10.10 5.72 -58.79
CA SER B 392 11.55 5.62 -58.97
C SER B 392 11.99 4.46 -58.12
N ALA B 393 12.69 3.50 -58.70
CA ALA B 393 13.08 2.29 -57.98
C ALA B 393 14.57 2.43 -57.63
N ALA B 394 14.90 2.06 -56.41
CA ALA B 394 16.22 1.89 -55.89
C ALA B 394 16.24 0.39 -55.49
N HIS B 395 17.39 -0.17 -55.09
CA HIS B 395 17.47 -1.56 -54.73
C HIS B 395 16.56 -1.86 -53.49
N ASP B 396 16.66 -1.04 -52.43
CA ASP B 396 15.96 -1.35 -51.18
C ASP B 396 14.53 -0.79 -51.12
N TYR B 397 14.17 0.13 -51.96
CA TYR B 397 12.88 0.81 -51.91
C TYR B 397 12.44 1.38 -53.24
N THR B 398 11.14 1.68 -53.33
CA THR B 398 10.50 2.41 -54.40
C THR B 398 9.97 3.66 -53.83
N LEU B 399 10.19 4.76 -54.49
CA LEU B 399 9.61 6.02 -54.13
C LEU B 399 8.47 6.32 -55.12
N ARG B 400 7.32 6.69 -54.62
CA ARG B 400 6.17 7.07 -55.45
C ARG B 400 5.82 8.51 -55.12
N GLU B 401 5.82 9.36 -56.13
CA GLU B 401 5.46 10.74 -56.01
C GLU B 401 3.96 10.86 -56.26
N LEU B 402 3.18 11.11 -55.18
CA LEU B 402 1.75 11.10 -55.23
C LEU B 402 1.25 12.53 -55.09
N LYS B 403 0.18 12.87 -55.74
CA LYS B 403 -0.48 14.15 -55.50
C LYS B 403 -1.86 13.92 -54.93
N LEU B 404 -2.11 14.48 -53.75
CA LEU B 404 -3.31 14.28 -52.98
C LEU B 404 -4.08 15.57 -52.94
N SER B 405 -5.37 15.50 -53.21
CA SER B 405 -6.25 16.66 -53.15
C SER B 405 -7.67 16.21 -52.74
N LYS B 406 -8.51 17.17 -52.36
CA LYS B 406 -9.91 16.90 -52.10
C LYS B 406 -10.66 17.12 -53.37
N VAL B 407 -11.51 16.15 -53.69
CA VAL B 407 -12.39 16.24 -54.82
C VAL B 407 -13.26 17.55 -54.71
N GLY B 408 -13.33 18.30 -55.79
CA GLY B 408 -14.10 19.53 -55.88
C GLY B 408 -13.34 20.77 -55.47
N GLN B 409 -12.02 20.66 -55.12
CA GLN B 409 -11.26 21.76 -54.49
C GLN B 409 -9.82 21.71 -54.93
N GLY B 410 -9.58 22.20 -56.14
CA GLY B 410 -8.28 22.09 -56.81
C GLY B 410 -7.11 22.61 -55.99
N ASN B 411 -7.32 23.83 -55.40
CA ASN B 411 -6.43 24.53 -54.46
C ASN B 411 -5.94 23.69 -53.21
N THR B 412 -6.38 22.45 -53.03
CA THR B 412 -5.98 21.64 -51.87
C THR B 412 -4.85 20.70 -52.17
N GLU B 413 -4.35 20.63 -53.41
CA GLU B 413 -3.37 19.65 -53.83
C GLU B 413 -2.02 19.82 -53.10
N ARG B 414 -1.45 18.71 -52.64
CA ARG B 414 -0.08 18.69 -52.13
C ARG B 414 0.56 17.38 -52.55
N THR B 415 1.88 17.42 -52.70
CA THR B 415 2.67 16.21 -52.96
C THR B 415 2.90 15.45 -51.65
N VAL B 416 2.70 14.13 -51.76
CA VAL B 416 2.96 13.14 -50.74
C VAL B 416 3.93 12.13 -51.34
N TRP B 417 5.09 11.95 -50.66
CA TRP B 417 6.16 11.14 -51.15
C TRP B 417 6.08 9.84 -50.36
N GLN B 418 5.83 8.75 -51.05
CA GLN B 418 5.71 7.46 -50.41
C GLN B 418 6.95 6.65 -50.63
N TYR B 419 7.65 6.32 -49.56
CA TYR B 419 8.87 5.53 -49.51
C TYR B 419 8.53 4.14 -49.12
N HIS B 420 8.59 3.23 -50.07
CA HIS B 420 8.18 1.85 -49.89
C HIS B 420 9.42 0.95 -49.76
N PHE B 421 9.76 0.57 -48.51
CA PHE B 421 10.90 -0.27 -48.21
C PHE B 421 10.54 -1.71 -48.59
N ARG B 422 11.38 -2.33 -49.36
CA ARG B 422 11.01 -3.59 -50.03
C ARG B 422 11.84 -4.80 -49.64
N THR B 423 12.94 -4.60 -49.00
CA THR B 423 13.88 -5.70 -48.74
C THR B 423 13.97 -6.15 -47.34
N TRP B 424 13.07 -5.71 -46.42
CA TRP B 424 13.08 -6.25 -45.07
C TRP B 424 12.84 -7.81 -45.13
N PRO B 425 13.61 -8.64 -44.46
CA PRO B 425 13.40 -10.10 -44.60
C PRO B 425 12.06 -10.61 -44.07
N ASP B 426 11.73 -11.85 -44.56
CA ASP B 426 10.52 -12.56 -44.19
C ASP B 426 10.67 -13.06 -42.74
N HIS B 427 11.92 -13.43 -42.30
CA HIS B 427 12.17 -13.80 -40.89
C HIS B 427 13.07 -12.75 -40.21
N GLY B 428 12.74 -12.23 -38.99
CA GLY B 428 13.80 -11.51 -38.28
C GLY B 428 14.11 -10.11 -38.80
N VAL B 429 15.41 -9.72 -38.87
CA VAL B 429 15.79 -8.33 -39.18
C VAL B 429 16.86 -8.32 -40.27
N PRO B 430 17.09 -7.22 -41.01
CA PRO B 430 18.21 -7.19 -41.96
C PRO B 430 19.56 -7.54 -41.31
N SER B 431 20.40 -8.29 -42.02
CA SER B 431 21.72 -8.67 -41.52
C SER B 431 22.65 -7.46 -41.45
N ASP B 432 22.49 -6.49 -42.35
CA ASP B 432 23.26 -5.24 -42.32
C ASP B 432 22.26 -4.04 -42.24
N PRO B 433 22.49 -3.05 -41.35
CA PRO B 433 21.58 -1.88 -41.27
C PRO B 433 21.80 -0.76 -42.29
N GLY B 434 22.76 -0.92 -43.22
CA GLY B 434 23.12 0.14 -44.16
C GLY B 434 21.95 0.53 -45.05
N GLY B 435 21.16 -0.45 -45.49
CA GLY B 435 20.01 -0.19 -46.32
C GLY B 435 18.93 0.65 -45.62
N VAL B 436 18.53 0.24 -44.41
CA VAL B 436 17.57 1.00 -43.58
C VAL B 436 18.11 2.42 -43.30
N LEU B 437 19.40 2.54 -42.97
CA LEU B 437 19.97 3.88 -42.66
C LEU B 437 20.00 4.82 -43.85
N ASP B 438 20.40 4.32 -45.04
CA ASP B 438 20.38 5.14 -46.27
C ASP B 438 18.92 5.55 -46.62
N PHE B 439 17.96 4.61 -46.48
CA PHE B 439 16.54 4.92 -46.67
C PHE B 439 16.05 6.03 -45.72
N LEU B 440 16.28 5.87 -44.40
CA LEU B 440 15.87 6.88 -43.41
C LEU B 440 16.55 8.24 -43.64
N GLU B 441 17.83 8.25 -44.09
CA GLU B 441 18.49 9.54 -44.42
C GLU B 441 17.79 10.25 -45.54
N GLU B 442 17.42 9.53 -46.59
CA GLU B 442 16.69 10.09 -47.72
C GLU B 442 15.26 10.58 -47.29
N VAL B 443 14.58 9.78 -46.47
CA VAL B 443 13.26 10.16 -45.91
C VAL B 443 13.39 11.46 -45.12
N HIS B 444 14.40 11.51 -44.28
CA HIS B 444 14.66 12.69 -43.45
C HIS B 444 14.88 13.95 -44.29
N HIS B 445 15.71 13.83 -45.33
CA HIS B 445 16.00 15.01 -46.17
C HIS B 445 14.79 15.46 -46.93
N LYS B 446 13.94 14.51 -47.39
CA LYS B 446 12.71 14.88 -48.06
C LYS B 446 11.82 15.68 -47.12
N GLN B 447 11.60 15.15 -45.89
CA GLN B 447 10.74 15.80 -44.89
C GLN B 447 11.28 17.21 -44.57
N GLU B 448 12.61 17.31 -44.36
CA GLU B 448 13.26 18.56 -44.04
C GLU B 448 13.10 19.59 -45.17
N SER B 449 13.01 19.20 -46.42
CA SER B 449 12.90 20.09 -47.59
C SER B 449 11.49 20.70 -47.77
N ILE B 450 10.47 20.22 -47.02
CA ILE B 450 9.08 20.63 -47.28
C ILE B 450 8.63 21.53 -46.11
N MET B 451 8.39 22.79 -46.42
CA MET B 451 7.98 23.77 -45.40
C MET B 451 6.63 23.35 -44.76
N ASP B 452 6.59 23.35 -43.43
CA ASP B 452 5.38 23.06 -42.64
C ASP B 452 4.78 21.65 -42.86
N ALA B 453 5.55 20.68 -43.39
CA ALA B 453 5.09 19.29 -43.44
C ALA B 453 4.61 18.78 -42.05
N GLY B 454 3.53 18.04 -42.07
CA GLY B 454 3.02 17.33 -40.92
C GLY B 454 3.86 16.10 -40.54
N PRO B 455 3.32 15.27 -39.64
CA PRO B 455 4.05 14.10 -39.19
C PRO B 455 4.31 13.11 -40.33
N VAL B 456 5.39 12.37 -40.23
CA VAL B 456 5.73 11.36 -41.20
C VAL B 456 4.90 10.12 -40.84
N VAL B 457 4.19 9.58 -41.80
CA VAL B 457 3.36 8.40 -41.56
C VAL B 457 4.23 7.17 -41.75
N VAL B 458 4.21 6.22 -40.83
CA VAL B 458 5.02 5.03 -40.90
C VAL B 458 4.09 3.86 -40.62
N HIS B 459 4.11 2.86 -41.50
CA HIS B 459 3.18 1.76 -41.37
C HIS B 459 3.82 0.43 -41.84
N CYS B 460 3.45 -0.65 -41.14
CA CYS B 460 3.84 -2.01 -41.52
C CYS B 460 2.47 -2.74 -41.66
N SER B 461 2.24 -3.88 -40.99
CA SER B 461 1.12 -4.82 -40.92
C SER B 461 0.27 -4.41 -39.68
N ALA B 462 0.65 -4.75 -38.46
CA ALA B 462 -0.03 -4.27 -37.24
C ALA B 462 0.41 -2.86 -36.85
N GLY B 463 1.52 -2.31 -37.42
CA GLY B 463 2.00 -0.97 -37.11
C GLY B 463 2.67 -0.80 -35.77
N ILE B 464 3.27 -1.90 -35.26
CA ILE B 464 3.97 -1.83 -33.97
C ILE B 464 5.44 -2.37 -34.03
N GLY B 465 5.75 -3.42 -34.83
CA GLY B 465 7.07 -4.06 -34.75
C GLY B 465 8.09 -3.38 -35.63
N ARG B 466 7.99 -3.60 -36.94
CA ARG B 466 8.86 -2.88 -37.92
C ARG B 466 8.64 -1.36 -37.81
N THR B 467 7.39 -0.94 -37.70
CA THR B 467 7.05 0.49 -37.59
C THR B 467 7.76 1.13 -36.39
N GLY B 468 7.68 0.46 -35.24
CA GLY B 468 8.30 0.93 -34.02
C GLY B 468 9.82 0.97 -34.19
N THR B 469 10.41 -0.05 -34.85
CA THR B 469 11.85 -0.12 -35.09
C THR B 469 12.35 1.03 -35.96
N PHE B 470 11.69 1.27 -37.08
CA PHE B 470 12.04 2.38 -37.97
C PHE B 470 11.92 3.70 -37.23
N ILE B 471 10.81 3.91 -36.49
CA ILE B 471 10.63 5.17 -35.80
C ILE B 471 11.73 5.40 -34.74
N VAL B 472 12.03 4.38 -33.91
CA VAL B 472 13.03 4.55 -32.86
C VAL B 472 14.42 4.84 -33.46
N ILE B 473 14.84 4.11 -34.50
CA ILE B 473 16.08 4.38 -35.22
C ILE B 473 16.08 5.81 -35.73
N ASP B 474 14.98 6.26 -36.34
CA ASP B 474 14.89 7.61 -36.82
C ASP B 474 15.08 8.67 -35.73
N ILE B 475 14.44 8.49 -34.60
CA ILE B 475 14.56 9.36 -33.44
C ILE B 475 16.03 9.42 -32.98
N LEU B 476 16.66 8.27 -32.84
CA LEU B 476 18.04 8.20 -32.34
C LEU B 476 19.05 8.83 -33.28
N ILE B 477 18.98 8.49 -34.58
CA ILE B 477 19.87 9.06 -35.54
C ILE B 477 19.61 10.57 -35.70
N ASP B 478 18.37 11.03 -35.57
CA ASP B 478 18.07 12.46 -35.52
C ASP B 478 18.88 13.27 -34.45
N ILE B 479 18.99 12.72 -33.24
CA ILE B 479 19.76 13.32 -32.13
C ILE B 479 21.21 13.43 -32.58
N ILE B 480 21.77 12.33 -33.12
CA ILE B 480 23.17 12.30 -33.56
C ILE B 480 23.40 13.27 -34.71
N ARG B 481 22.62 13.19 -35.82
CA ARG B 481 22.78 14.10 -36.98
C ARG B 481 22.83 15.59 -36.52
N GLU B 482 21.96 15.98 -35.59
CA GLU B 482 21.92 17.34 -35.03
C GLU B 482 23.07 17.69 -34.05
N LYS B 483 23.39 16.79 -33.06
CA LYS B 483 24.35 17.04 -31.97
C LYS B 483 25.74 16.44 -32.17
N GLY B 484 25.97 15.78 -33.29
CA GLY B 484 27.21 15.09 -33.55
C GLY B 484 27.40 13.86 -32.70
N VAL B 485 28.52 13.20 -32.97
CA VAL B 485 28.96 11.98 -32.29
C VAL B 485 28.97 12.12 -30.76
N ASP B 486 29.21 13.33 -30.20
CA ASP B 486 29.22 13.52 -28.75
C ASP B 486 27.90 14.09 -28.22
N CYS B 487 26.92 13.17 -28.01
CA CYS B 487 25.61 13.42 -27.42
C CYS B 487 25.18 12.19 -26.59
N ASP B 488 24.24 12.35 -25.65
CA ASP B 488 23.73 11.20 -24.89
C ASP B 488 22.56 10.55 -25.64
N ILE B 489 22.56 9.21 -25.71
CA ILE B 489 21.42 8.43 -26.13
C ILE B 489 21.10 7.35 -25.08
N ASP B 490 19.83 6.97 -25.03
CA ASP B 490 19.34 5.96 -24.10
C ASP B 490 18.26 5.15 -24.85
N VAL B 491 18.67 4.00 -25.42
CA VAL B 491 17.82 3.21 -26.26
C VAL B 491 16.56 2.73 -25.52
N PRO B 492 16.67 2.01 -24.34
CA PRO B 492 15.45 1.53 -23.70
C PRO B 492 14.57 2.66 -23.22
N LYS B 493 15.13 3.80 -22.76
CA LYS B 493 14.29 4.89 -22.29
C LYS B 493 13.48 5.49 -23.49
N THR B 494 14.13 5.61 -24.65
CA THR B 494 13.47 6.09 -25.89
C THR B 494 12.35 5.14 -26.31
N ILE B 495 12.63 3.86 -26.30
CA ILE B 495 11.62 2.85 -26.62
C ILE B 495 10.43 2.92 -25.65
N GLN B 496 10.69 3.02 -24.32
CA GLN B 496 9.60 3.14 -23.34
C GLN B 496 8.73 4.37 -23.63
N MET B 497 9.36 5.47 -23.99
CA MET B 497 8.66 6.72 -24.29
C MET B 497 7.72 6.57 -25.58
N VAL B 498 8.22 5.88 -26.61
CA VAL B 498 7.44 5.59 -27.83
C VAL B 498 6.32 4.58 -27.50
N ARG B 499 6.60 3.54 -26.69
CA ARG B 499 5.61 2.59 -26.20
C ARG B 499 4.47 3.19 -25.35
N SER B 500 4.71 4.33 -24.68
CA SER B 500 3.61 5.05 -24.01
C SER B 500 2.65 5.74 -24.99
N GLN B 501 3.01 5.81 -26.28
CA GLN B 501 2.17 6.47 -27.27
C GLN B 501 1.51 5.49 -28.24
N ARG B 502 2.03 4.27 -28.40
CA ARG B 502 1.31 3.21 -29.09
C ARG B 502 1.82 1.90 -28.56
N SER B 503 0.90 0.94 -28.39
CA SER B 503 1.20 -0.33 -27.74
C SER B 503 2.23 -1.17 -28.45
N GLY B 504 3.21 -1.63 -27.69
CA GLY B 504 4.13 -2.64 -28.15
C GLY B 504 5.10 -2.17 -29.23
N MET B 505 5.38 -0.86 -29.33
CA MET B 505 6.34 -0.35 -30.33
C MET B 505 7.72 -0.99 -30.07
N VAL B 506 8.24 -1.74 -31.07
CA VAL B 506 9.40 -2.60 -31.02
C VAL B 506 8.99 -3.90 -30.33
N GLN B 507 8.90 -4.97 -31.09
CA GLN B 507 8.29 -6.24 -30.69
C GLN B 507 9.28 -7.26 -30.14
N THR B 508 10.51 -7.30 -30.70
CA THR B 508 11.42 -8.42 -30.44
C THR B 508 12.82 -8.01 -29.99
N GLU B 509 13.52 -8.92 -29.32
CA GLU B 509 14.92 -8.76 -29.02
C GLU B 509 15.76 -8.57 -30.27
N ALA B 510 15.43 -9.26 -31.39
CA ALA B 510 16.14 -9.07 -32.65
C ALA B 510 16.06 -7.62 -33.17
N GLN B 511 14.88 -7.03 -33.10
CA GLN B 511 14.71 -5.60 -33.48
C GLN B 511 15.47 -4.70 -32.50
N TYR B 512 15.42 -5.02 -31.21
CA TYR B 512 16.15 -4.25 -30.19
C TYR B 512 17.65 -4.22 -30.48
N ARG B 513 18.25 -5.40 -30.74
CA ARG B 513 19.63 -5.51 -31.19
C ARG B 513 19.88 -4.73 -32.49
N PHE B 514 18.94 -4.82 -33.46
CA PHE B 514 19.08 -4.14 -34.72
C PHE B 514 19.15 -2.61 -34.54
N ILE B 515 18.40 -2.06 -33.58
CA ILE B 515 18.41 -0.62 -33.24
C ILE B 515 19.83 -0.22 -32.80
N TYR B 516 20.42 -0.98 -31.88
CA TYR B 516 21.83 -0.73 -31.48
C TYR B 516 22.79 -0.83 -32.66
N MET B 517 22.67 -1.90 -33.50
CA MET B 517 23.51 -2.06 -34.68
C MET B 517 23.37 -0.93 -35.66
N ALA B 518 22.14 -0.40 -35.85
CA ALA B 518 21.91 0.67 -36.77
C ALA B 518 22.58 1.94 -36.29
N VAL B 519 22.42 2.27 -35.02
CA VAL B 519 23.01 3.46 -34.47
C VAL B 519 24.57 3.34 -34.53
N GLN B 520 25.15 2.17 -34.15
CA GLN B 520 26.60 1.93 -34.29
C GLN B 520 27.09 2.19 -35.73
N HIS B 521 26.38 1.63 -36.76
CA HIS B 521 26.73 1.81 -38.16
C HIS B 521 26.63 3.26 -38.58
N TYR B 522 25.60 3.96 -38.10
CA TYR B 522 25.44 5.39 -38.39
C TYR B 522 26.66 6.21 -37.85
N ILE B 523 27.02 6.00 -36.60
CA ILE B 523 28.17 6.65 -35.94
C ILE B 523 29.47 6.32 -36.72
N GLU B 524 29.69 5.04 -37.00
CA GLU B 524 30.86 4.61 -37.75
C GLU B 524 30.96 5.29 -39.17
N THR B 525 29.88 5.35 -39.94
CA THR B 525 29.91 6.00 -41.26
C THR B 525 30.22 7.51 -41.15
N LEU B 526 29.74 8.18 -40.08
CA LEU B 526 30.07 9.61 -39.83
C LEU B 526 31.58 9.75 -39.54
N GLN B 527 32.12 8.86 -38.71
CA GLN B 527 33.56 8.89 -38.40
C GLN B 527 34.38 8.61 -39.66
N ARG B 528 33.98 7.64 -40.50
CA ARG B 528 34.71 7.35 -41.74
C ARG B 528 34.69 8.56 -42.67
N ARG B 529 33.57 9.25 -42.74
CA ARG B 529 33.44 10.45 -43.54
C ARG B 529 34.43 11.55 -43.06
N LEU B 530 34.67 11.65 -41.73
CA LEU B 530 35.66 12.59 -41.20
C LEU B 530 37.11 12.11 -41.40
N GLU B 531 37.37 10.81 -41.27
CA GLU B 531 38.74 10.29 -41.20
C GLU B 531 39.21 9.81 -42.58
C1 A1H4I C . -17.43 -5.13 16.65
C6 A1H4I C . -16.04 -2.64 18.61
C7 A1H4I C . -15.18 -3.61 19.10
C8 A1H4I C . -13.89 -3.29 19.45
C10 A1H4I C . -14.29 -1.01 18.77
C11 A1H4I C . -14.17 0.38 18.48
C12 A1H4I C . -15.37 0.83 17.99
C14 A1H4I C . -15.59 -1.35 18.45
S2 A1H4I C . -17.82 -3.43 16.72
O3 A1H4I C . -17.01 -2.75 15.75
O4 A1H4I C . -19.23 -3.28 16.63
N5 A1H4I C . -17.39 -2.90 18.20
C9 A1H4I C . -13.43 -2.00 19.29
N13 A1H4I C . -16.23 -0.23 17.99
H18 A1H4I C . -16.83 -5.31 15.89
H16 A1H4I C . -18.25 -5.65 16.55
H17 A1H4I C . -16.98 -5.39 17.48
H20 A1H4I C . -15.50 -4.50 19.22
H21 A1H4I C . -13.30 -3.97 19.79
H23 A1H4I C . -13.40 0.90 18.61
H24 A1H4I C . -15.56 1.71 17.73
H19 A1H4I C . -18.02 -2.45 18.62
H22 A1H4I C . -12.54 -1.77 19.51
H15 A1H4I C . -17.07 -0.21 17.70
C1 A1H4I D . 18.55 0.34 -16.13
C6 A1H4I D . 16.14 1.28 -18.55
C7 A1H4I D . 15.93 -0.06 -18.80
C8 A1H4I D . 14.67 -0.52 -19.16
C10 A1H4I D . 13.82 1.73 -18.99
C11 A1H4I D . 12.98 2.88 -18.99
C12 A1H4I D . 13.73 3.96 -18.64
C14 A1H4I D . 15.07 2.17 -18.64
S2 A1H4I D . 18.04 1.93 -16.64
O3 A1H4I D . 16.98 2.36 -15.77
O4 A1H4I D . 19.19 2.74 -16.79
N5 A1H4I D . 17.42 1.78 -18.16
C9 A1H4I D . 13.62 0.37 -19.27
N13 A1H4I D . 15.01 3.53 -18.44
H18 A1H4I D . 17.81 -0.12 -15.68
H16 A1H4I D . 19.32 0.41 -15.53
H17 A1H4I D . 18.81 -0.19 -16.92
H20 A1H4I D . 16.66 -0.68 -18.74
H21 A1H4I D . 14.53 -1.45 -19.34
H23 A1H4I D . 12.06 2.89 -19.20
H24 A1H4I D . 13.44 4.85 -18.57
H19 A1H4I D . 18.00 1.92 -18.79
H22 A1H4I D . 12.75 0.05 -19.50
H15 A1H4I D . 15.69 4.05 -18.19
#